data_1EO5
#
_entry.id   1EO5
#
_cell.length_a   116.700
_cell.length_b   109.700
_cell.length_c   67.500
_cell.angle_alpha   90.00
_cell.angle_beta   90.00
_cell.angle_gamma   90.00
#
_symmetry.space_group_name_H-M   'P 21 21 21'
#
loop_
_entity.id
_entity.type
_entity.pdbx_description
1 polymer 'PROTEIN (CYCLODEXTRIN GLYCOSYLTRANSFERASE)'
2 branched alpha-D-glucopyranose-(1-4)-alpha-D-glucopyranose-(1-4)-alpha-D-glucopyranose-(1-4)-alpha-D-glucopyranose-(1-4)-alpha-D-glucopyranose-(1-4)-alpha-D-glucopyranose-(1-4)-beta-D-glucopyranose
3 branched alpha-D-glucopyranose-(1-4)-alpha-D-glucopyranose-(1-4)-alpha-D-glucopyranose-(1-4)-alpha-D-glucopyranose
4 branched alpha-D-glucopyranose-(1-4)-alpha-D-glucopyranose-(1-4)-alpha-D-glucopyranose
5 non-polymer 'CALCIUM ION'
6 non-polymer (4S)-2-METHYL-2,4-PENTANEDIOL
7 water water
#
_entity_poly.entity_id   1
_entity_poly.type   'polypeptide(L)'
_entity_poly.pdbx_seq_one_letter_code
;APDTSVSNKQNFSTDVIYQIFTDRFSDGNPANNPTGAAFDGTCTNLRLYCGGDWQGIINKINDGYLTGMGVTAIWISQPV
ENIYSIINYSGVNNTAYHGYWARDFKKTNPAYGTIADFQNLIAAAHAKNIKVIIDFAPNHTSPASSDQPSFAENGRLYDN
GTLLGGYTNDTQNLFHHNGGTDFSTTENGIYKNLYDLADLNHNNSTVDVYLKDAIKMWLDLGIDGIRMAAVKHMPFGWQK
SFMAAVNNYKPVFTFGAWFLGVNEVSPENHKFANESGMSLLDFRFAQKVRQVFRDNTDNMYGLKAMLEGSAADYAQVDDQ
VTFIDNHDMERFHASNANRRKLEQALAFTLTSRGVPAIYYGTEQYMSGGTDPDNRARIPSFSTSTTAYQVIQKLAPLRKS
NPAIAYGSTQERWINNDVLIYERKFGSNVAVVAVNRNLNAPASISGLVTSLPQGSYNDVLGGLLNGNTLSVGSGGAASNF
TLAAGGTAVWQYTAATATPTIGHVGPMMAKPGVTITIDGRGFGSSKGTVYFGTTAVSGADITSWEDTQIKVKIPAVAGGN
YNIKVANAAGTASNVYDNFEVLSGDQVSVRFVVNNATTALGQNVYLTGSVSELGNWDPAKAIGPMYNQVVYQYPNWYYDV
SVPAGKTIEFKFLKKQGSTVTWEGGSNHTFTAPSSGTATINVNWQP
;
_entity_poly.pdbx_strand_id   A
#
loop_
_chem_comp.id
_chem_comp.type
_chem_comp.name
_chem_comp.formula
BGC D-saccharide, beta linking beta-D-glucopyranose 'C6 H12 O6'
CA non-polymer 'CALCIUM ION' 'Ca 2'
GLC D-saccharide, alpha linking alpha-D-glucopyranose 'C6 H12 O6'
MPD non-polymer (4S)-2-METHYL-2,4-PENTANEDIOL 'C6 H14 O2'
#
# COMPACT_ATOMS: atom_id res chain seq x y z
N ALA A 1 -1.17 0.08 -24.65
CA ALA A 1 -0.99 -1.14 -23.88
C ALA A 1 -2.23 -1.45 -23.03
N PRO A 2 -2.43 -2.72 -22.73
CA PRO A 2 -3.58 -3.15 -21.94
C PRO A 2 -3.36 -2.95 -20.45
N ASP A 3 -4.46 -2.89 -19.71
CA ASP A 3 -4.40 -2.68 -18.25
C ASP A 3 -3.49 -3.70 -17.55
N THR A 4 -3.41 -4.88 -18.13
CA THR A 4 -2.63 -5.98 -17.55
C THR A 4 -1.12 -5.90 -17.82
N SER A 5 -0.71 -4.97 -18.69
CA SER A 5 0.69 -4.83 -19.07
C SER A 5 1.63 -4.55 -17.89
N VAL A 6 2.83 -5.10 -17.94
CA VAL A 6 3.82 -4.86 -16.89
C VAL A 6 4.22 -3.38 -16.82
N SER A 7 3.94 -2.64 -17.90
CA SER A 7 4.28 -1.23 -17.96
C SER A 7 3.33 -0.37 -17.13
N ASN A 8 2.22 -0.96 -16.71
CA ASN A 8 1.22 -0.24 -15.94
C ASN A 8 1.64 -0.01 -14.48
N LYS A 9 2.32 1.10 -14.22
CA LYS A 9 2.82 1.41 -12.87
C LYS A 9 1.75 1.97 -11.92
N GLN A 10 0.56 2.28 -12.46
CA GLN A 10 -0.50 2.92 -11.67
C GLN A 10 -1.52 1.93 -11.09
N ASN A 11 -1.49 0.70 -11.56
CA ASN A 11 -2.51 -0.29 -11.25
C ASN A 11 -1.87 -1.66 -10.99
N PHE A 12 -2.03 -2.17 -9.77
CA PHE A 12 -1.46 -3.47 -9.40
C PHE A 12 -2.56 -4.47 -9.09
N SER A 13 -3.81 -4.09 -9.36
CA SER A 13 -4.95 -4.93 -9.03
C SER A 13 -5.04 -6.22 -9.84
N THR A 14 -4.40 -6.25 -11.00
CA THR A 14 -4.39 -7.47 -11.80
C THR A 14 -3.13 -8.28 -11.53
N ASP A 15 -2.33 -7.83 -10.58
CA ASP A 15 -1.07 -8.49 -10.24
C ASP A 15 -1.14 -9.26 -8.94
N VAL A 16 -0.11 -10.06 -8.69
CA VAL A 16 0.07 -10.75 -7.43
C VAL A 16 1.50 -10.45 -6.98
N ILE A 17 1.63 -9.78 -5.84
CA ILE A 17 2.93 -9.38 -5.33
C ILE A 17 3.59 -10.49 -4.54
N TYR A 18 4.89 -10.66 -4.75
CA TYR A 18 5.67 -11.61 -3.97
C TYR A 18 6.64 -10.81 -3.12
N GLN A 19 6.40 -10.80 -1.80
CA GLN A 19 7.21 -10.01 -0.89
C GLN A 19 8.53 -10.69 -0.57
N ILE A 20 9.63 -10.07 -0.98
CA ILE A 20 10.94 -10.63 -0.82
C ILE A 20 11.79 -9.93 0.23
N PHE A 21 12.19 -10.68 1.25
CA PHE A 21 13.14 -10.19 2.23
C PHE A 21 14.49 -10.52 1.63
N THR A 22 15.01 -9.58 0.85
CA THR A 22 16.22 -9.76 0.05
C THR A 22 17.33 -10.64 0.63
N ASP A 23 17.75 -10.33 1.84
CA ASP A 23 18.84 -11.07 2.48
C ASP A 23 18.53 -12.56 2.65
N ARG A 24 17.26 -12.90 2.71
CA ARG A 24 16.84 -14.27 3.02
C ARG A 24 16.28 -15.04 1.84
N PHE A 25 16.41 -14.50 0.64
CA PHE A 25 15.86 -15.13 -0.55
C PHE A 25 16.91 -15.95 -1.33
N SER A 26 17.88 -15.27 -1.90
CA SER A 26 18.91 -15.95 -2.70
C SER A 26 20.19 -15.15 -2.80
N ASP A 27 21.28 -15.72 -2.28
CA ASP A 27 22.59 -15.09 -2.40
C ASP A 27 23.15 -15.43 -3.77
N GLY A 28 22.89 -14.57 -4.74
CA GLY A 28 23.35 -14.80 -6.10
C GLY A 28 24.79 -14.32 -6.29
N ASN A 29 25.28 -13.55 -5.33
CA ASN A 29 26.64 -13.02 -5.41
C ASN A 29 27.34 -13.02 -4.07
N PRO A 30 28.01 -14.12 -3.76
CA PRO A 30 28.73 -14.24 -2.49
C PRO A 30 29.77 -13.13 -2.33
N ALA A 31 30.27 -12.64 -3.46
CA ALA A 31 31.29 -11.60 -3.45
C ALA A 31 30.85 -10.35 -2.69
N ASN A 32 29.55 -10.06 -2.70
CA ASN A 32 29.04 -8.86 -2.03
C ASN A 32 28.58 -9.10 -0.60
N ASN A 33 28.75 -10.32 -0.11
CA ASN A 33 28.33 -10.65 1.25
C ASN A 33 29.11 -9.86 2.30
N PRO A 34 28.44 -9.52 3.40
CA PRO A 34 29.10 -8.85 4.51
C PRO A 34 30.03 -9.88 5.15
N THR A 35 31.00 -9.41 5.93
CA THR A 35 31.97 -10.31 6.53
C THR A 35 32.01 -10.25 8.04
N GLY A 36 32.75 -11.18 8.63
CA GLY A 36 32.97 -11.20 10.06
C GLY A 36 31.69 -11.38 10.87
N ALA A 37 31.61 -10.64 11.96
CA ALA A 37 30.49 -10.75 12.89
C ALA A 37 29.14 -10.34 12.29
N ALA A 38 29.19 -9.62 11.18
CA ALA A 38 27.96 -9.16 10.55
C ALA A 38 27.38 -10.21 9.62
N PHE A 39 28.02 -11.37 9.58
CA PHE A 39 27.66 -12.40 8.62
C PHE A 39 27.53 -13.81 9.18
N ASP A 40 26.62 -14.58 8.55
CA ASP A 40 26.38 -15.98 8.86
C ASP A 40 25.81 -16.69 7.61
N GLY A 41 26.69 -17.35 6.86
CA GLY A 41 26.31 -18.07 5.64
C GLY A 41 25.25 -19.12 5.89
N THR A 42 25.45 -19.94 6.91
CA THR A 42 24.49 -20.89 7.25
C THR A 42 23.05 -20.26 7.56
N CYS A 43 22.98 -18.95 7.77
CA CYS A 43 21.63 -18.24 8.14
C CYS A 43 20.97 -18.92 9.36
N THR A 44 21.76 -19.14 10.39
CA THR A 44 21.28 -19.72 11.63
C THR A 44 21.00 -18.58 12.60
N ASN A 45 21.85 -17.55 12.56
CA ASN A 45 21.66 -16.34 13.34
C ASN A 45 20.84 -15.38 12.50
N LEU A 46 19.53 -15.40 12.70
CA LEU A 46 18.60 -14.63 11.88
C LEU A 46 18.68 -13.11 12.04
N ARG A 47 19.62 -12.64 12.85
CA ARG A 47 19.81 -11.20 13.06
C ARG A 47 21.03 -10.70 12.31
N LEU A 48 21.71 -11.61 11.62
CA LEU A 48 22.89 -11.29 10.84
C LEU A 48 22.56 -11.33 9.36
N TYR A 49 23.48 -10.86 8.53
CA TYR A 49 23.32 -10.93 7.09
C TYR A 49 23.54 -12.38 6.66
N CYS A 50 22.67 -12.88 5.78
CA CYS A 50 22.79 -14.25 5.29
C CYS A 50 23.35 -14.31 3.87
N GLY A 51 23.33 -13.17 3.18
CA GLY A 51 23.93 -13.08 1.85
C GLY A 51 22.96 -12.89 0.68
N GLY A 52 21.66 -13.04 0.95
CA GLY A 52 20.64 -12.87 -0.09
C GLY A 52 20.81 -11.51 -0.78
N ASP A 53 20.69 -11.49 -2.11
CA ASP A 53 20.93 -10.25 -2.86
C ASP A 53 20.13 -10.13 -4.15
N TRP A 54 20.35 -9.03 -4.87
CA TRP A 54 19.61 -8.75 -6.09
C TRP A 54 19.94 -9.72 -7.22
N GLN A 55 21.18 -10.20 -7.26
CA GLN A 55 21.56 -11.18 -8.27
C GLN A 55 20.74 -12.44 -8.05
N GLY A 56 20.56 -12.80 -6.78
CA GLY A 56 19.74 -13.94 -6.41
C GLY A 56 18.33 -13.79 -6.98
N ILE A 57 17.73 -12.63 -6.74
CA ILE A 57 16.40 -12.35 -7.25
C ILE A 57 16.38 -12.48 -8.77
N ILE A 58 17.37 -11.88 -9.43
CA ILE A 58 17.48 -11.96 -10.88
C ILE A 58 17.50 -13.43 -11.30
N ASN A 59 18.31 -14.22 -10.62
CA ASN A 59 18.41 -15.64 -10.91
C ASN A 59 17.06 -16.32 -10.78
N LYS A 60 16.38 -16.05 -9.66
CA LYS A 60 15.09 -16.66 -9.40
C LYS A 60 14.03 -16.18 -10.37
N ILE A 61 14.25 -15.01 -10.96
CA ILE A 61 13.35 -14.51 -11.97
C ILE A 61 13.64 -15.23 -13.28
N ASN A 62 14.93 -15.42 -13.56
CA ASN A 62 15.34 -16.05 -14.80
C ASN A 62 15.14 -17.57 -14.86
N ASP A 63 15.11 -18.22 -13.69
CA ASP A 63 14.96 -19.68 -13.68
C ASP A 63 13.53 -20.22 -13.54
N GLY A 64 12.55 -19.32 -13.58
CA GLY A 64 11.14 -19.71 -13.59
C GLY A 64 10.46 -19.92 -12.24
N TYR A 65 11.18 -19.71 -11.14
CA TYR A 65 10.55 -19.91 -9.84
C TYR A 65 9.34 -19.01 -9.65
N LEU A 66 9.54 -17.71 -9.81
CA LEU A 66 8.47 -16.75 -9.62
C LEU A 66 7.44 -16.81 -10.75
N THR A 67 7.91 -16.76 -11.99
CA THR A 67 7.02 -16.79 -13.14
C THR A 67 6.18 -18.06 -13.19
N GLY A 68 6.78 -19.19 -12.82
CA GLY A 68 6.07 -20.45 -12.81
C GLY A 68 4.93 -20.40 -11.79
N MET A 69 5.07 -19.54 -10.80
CA MET A 69 4.08 -19.39 -9.75
C MET A 69 2.95 -18.46 -10.15
N GLY A 70 3.17 -17.67 -11.20
CA GLY A 70 2.17 -16.71 -11.65
C GLY A 70 2.40 -15.36 -10.98
N VAL A 71 3.52 -15.23 -10.29
CA VAL A 71 3.88 -13.98 -9.63
C VAL A 71 4.20 -12.93 -10.70
N THR A 72 3.61 -11.74 -10.56
CA THR A 72 3.78 -10.68 -11.57
C THR A 72 4.34 -9.39 -10.99
N ALA A 73 4.75 -9.43 -9.73
CA ALA A 73 5.30 -8.26 -9.08
C ALA A 73 6.03 -8.67 -7.82
N ILE A 74 7.09 -7.95 -7.49
CA ILE A 74 7.83 -8.23 -6.29
C ILE A 74 8.01 -6.98 -5.47
N TRP A 75 8.02 -7.16 -4.17
CA TRP A 75 8.22 -6.08 -3.25
C TRP A 75 9.45 -6.47 -2.45
N ILE A 76 10.52 -5.69 -2.60
CA ILE A 76 11.80 -6.03 -1.99
C ILE A 76 12.19 -5.11 -0.84
N SER A 77 13.15 -5.56 -0.05
CA SER A 77 13.65 -4.76 1.07
C SER A 77 14.13 -3.40 0.57
N GLN A 78 14.06 -2.39 1.45
CA GLN A 78 14.50 -1.05 1.08
C GLN A 78 15.92 -1.12 0.52
N PRO A 79 16.07 -0.65 -0.72
CA PRO A 79 17.33 -0.79 -1.44
C PRO A 79 18.45 0.16 -1.00
N VAL A 80 18.10 1.22 -0.28
CA VAL A 80 19.08 2.25 0.09
C VAL A 80 20.16 1.79 1.06
N GLU A 81 21.30 2.47 1.01
CA GLU A 81 22.42 2.16 1.88
C GLU A 81 22.03 2.27 3.34
N ASN A 82 22.34 1.23 4.10
CA ASN A 82 22.05 1.18 5.53
C ASN A 82 23.34 1.31 6.31
N ILE A 83 23.23 1.41 7.63
CA ILE A 83 24.41 1.46 8.47
C ILE A 83 25.15 0.12 8.39
N TYR A 84 26.45 0.15 8.63
CA TYR A 84 27.28 -1.06 8.56
C TYR A 84 27.55 -1.56 9.95
N SER A 85 27.10 -0.79 10.93
CA SER A 85 27.30 -1.11 12.33
C SER A 85 26.66 -2.43 12.74
N ILE A 86 27.37 -3.18 13.57
CA ILE A 86 26.82 -4.37 14.18
C ILE A 86 26.40 -3.94 15.58
N ILE A 87 25.10 -3.85 15.80
CA ILE A 87 24.60 -3.36 17.07
C ILE A 87 24.37 -4.44 18.08
N ASN A 88 24.96 -4.29 19.25
CA ASN A 88 24.78 -5.25 20.31
C ASN A 88 23.64 -4.84 21.21
N TYR A 89 22.49 -5.48 21.03
CA TYR A 89 21.34 -5.21 21.87
C TYR A 89 21.28 -6.19 23.02
N SER A 90 22.02 -5.87 24.08
CA SER A 90 22.06 -6.70 25.27
C SER A 90 22.50 -8.14 25.01
N GLY A 91 23.75 -8.29 24.55
CA GLY A 91 24.34 -9.61 24.37
C GLY A 91 24.09 -10.23 22.99
N VAL A 92 23.22 -9.60 22.20
CA VAL A 92 22.91 -10.13 20.87
C VAL A 92 23.29 -9.16 19.77
N ASN A 93 24.09 -9.63 18.83
CA ASN A 93 24.53 -8.81 17.71
C ASN A 93 23.45 -8.67 16.65
N ASN A 94 23.27 -7.46 16.13
CA ASN A 94 22.25 -7.15 15.15
C ASN A 94 22.83 -6.40 13.97
N THR A 95 22.32 -6.67 12.78
CA THR A 95 22.75 -5.98 11.57
C THR A 95 21.54 -5.42 10.85
N ALA A 96 21.79 -4.57 9.86
CA ALA A 96 20.71 -3.97 9.08
C ALA A 96 20.31 -4.85 7.91
N TYR A 97 20.44 -6.16 8.09
CA TYR A 97 20.09 -7.13 7.04
C TYR A 97 18.68 -6.84 6.49
N HIS A 98 17.85 -6.24 7.33
CA HIS A 98 16.45 -5.96 6.97
C HIS A 98 16.29 -4.72 6.08
N GLY A 99 17.32 -3.89 6.01
CA GLY A 99 17.33 -2.71 5.12
C GLY A 99 16.57 -1.48 5.65
N TYR A 100 16.05 -1.56 6.87
CA TYR A 100 15.26 -0.45 7.45
C TYR A 100 16.07 0.60 8.22
N TRP A 101 17.39 0.42 8.29
CA TRP A 101 18.24 1.40 8.98
C TRP A 101 19.07 2.19 7.98
N ALA A 102 18.40 3.09 7.27
CA ALA A 102 19.03 3.87 6.22
C ALA A 102 20.12 4.83 6.71
N ARG A 103 21.12 5.05 5.86
CA ARG A 103 22.19 5.98 6.15
C ARG A 103 22.35 6.96 4.98
N ASP A 104 21.91 6.52 3.80
CA ASP A 104 21.99 7.33 2.59
C ASP A 104 20.93 6.86 1.59
N PHE A 105 19.90 7.68 1.39
CA PHE A 105 18.79 7.31 0.51
C PHE A 105 19.10 7.43 -0.98
N LYS A 106 20.31 7.91 -1.30
CA LYS A 106 20.71 8.08 -2.70
C LYS A 106 21.73 7.03 -3.15
N LYS A 107 22.05 6.10 -2.26
CA LYS A 107 22.98 5.02 -2.57
C LYS A 107 22.34 3.66 -2.30
N THR A 108 22.95 2.60 -2.80
CA THR A 108 22.43 1.26 -2.59
C THR A 108 23.05 0.62 -1.36
N ASN A 109 22.42 -0.45 -0.89
CA ASN A 109 22.98 -1.27 0.17
C ASN A 109 23.90 -2.27 -0.53
N PRO A 110 25.21 -2.09 -0.38
CA PRO A 110 26.19 -2.92 -1.09
C PRO A 110 26.00 -4.43 -0.94
N ALA A 111 25.38 -4.84 0.17
CA ALA A 111 25.12 -6.26 0.41
C ALA A 111 24.08 -6.76 -0.60
N TYR A 112 23.15 -5.88 -0.97
CA TYR A 112 22.12 -6.21 -1.95
C TYR A 112 22.69 -6.11 -3.35
N GLY A 113 23.52 -5.10 -3.57
CA GLY A 113 24.16 -4.90 -4.86
C GLY A 113 24.44 -3.44 -5.16
N THR A 114 24.96 -3.18 -6.34
CA THR A 114 25.28 -1.84 -6.78
C THR A 114 24.12 -1.28 -7.56
N ILE A 115 24.26 -0.04 -7.98
CA ILE A 115 23.26 0.60 -8.81
C ILE A 115 23.10 -0.20 -10.09
N ALA A 116 24.22 -0.68 -10.63
CA ALA A 116 24.22 -1.49 -11.83
C ALA A 116 23.42 -2.77 -11.59
N ASP A 117 23.60 -3.36 -10.41
CA ASP A 117 22.86 -4.56 -10.04
C ASP A 117 21.38 -4.25 -10.02
N PHE A 118 21.03 -3.10 -9.45
CA PHE A 118 19.63 -2.70 -9.36
C PHE A 118 19.01 -2.55 -10.74
N GLN A 119 19.73 -1.90 -11.65
CA GLN A 119 19.27 -1.73 -13.02
C GLN A 119 19.05 -3.07 -13.68
N ASN A 120 19.97 -3.99 -13.46
CA ASN A 120 19.86 -5.35 -13.98
C ASN A 120 18.58 -6.00 -13.45
N LEU A 121 18.31 -5.78 -12.16
CA LEU A 121 17.12 -6.33 -11.53
C LEU A 121 15.87 -5.81 -12.22
N ILE A 122 15.78 -4.49 -12.36
CA ILE A 122 14.64 -3.87 -13.03
C ILE A 122 14.44 -4.46 -14.41
N ALA A 123 15.53 -4.57 -15.17
CA ALA A 123 15.47 -5.10 -16.52
C ALA A 123 15.00 -6.55 -16.56
N ALA A 124 15.64 -7.40 -15.75
CA ALA A 124 15.29 -8.81 -15.69
C ALA A 124 13.82 -8.98 -15.34
N ALA A 125 13.38 -8.29 -14.29
CA ALA A 125 12.00 -8.35 -13.86
C ALA A 125 11.06 -7.96 -15.01
N HIS A 126 11.25 -6.76 -15.51
CA HIS A 126 10.41 -6.25 -16.59
C HIS A 126 10.37 -7.20 -17.79
N ALA A 127 11.50 -7.82 -18.11
CA ALA A 127 11.57 -8.75 -19.24
C ALA A 127 10.66 -9.94 -18.99
N LYS A 128 10.39 -10.23 -17.72
CA LYS A 128 9.53 -11.34 -17.35
C LYS A 128 8.15 -10.86 -16.91
N ASN A 129 7.80 -9.64 -17.31
CA ASN A 129 6.49 -9.05 -16.98
C ASN A 129 6.27 -8.96 -15.48
N ILE A 130 7.34 -8.74 -14.74
CA ILE A 130 7.26 -8.62 -13.30
C ILE A 130 7.56 -7.19 -12.85
N LYS A 131 6.61 -6.58 -12.17
CA LYS A 131 6.78 -5.22 -11.69
C LYS A 131 7.63 -5.23 -10.42
N VAL A 132 8.32 -4.12 -10.18
CA VAL A 132 9.20 -4.03 -9.02
C VAL A 132 8.82 -2.92 -8.06
N ILE A 133 8.54 -3.30 -6.82
CA ILE A 133 8.19 -2.36 -5.77
C ILE A 133 9.30 -2.34 -4.74
N ILE A 134 9.63 -1.16 -4.26
CA ILE A 134 10.65 -1.06 -3.24
C ILE A 134 10.10 -0.54 -1.93
N ASP A 135 10.59 -1.10 -0.83
CA ASP A 135 10.28 -0.60 0.49
C ASP A 135 11.03 0.73 0.60
N PHE A 136 10.41 1.72 1.23
CA PHE A 136 11.02 3.03 1.40
C PHE A 136 10.62 3.54 2.78
N ALA A 137 11.61 3.88 3.60
CA ALA A 137 11.34 4.28 4.98
C ALA A 137 11.91 5.66 5.35
N PRO A 138 11.33 6.69 4.77
CA PRO A 138 11.76 8.07 5.01
C PRO A 138 11.40 8.58 6.41
N ASN A 139 10.92 7.70 7.28
CA ASN A 139 10.57 8.12 8.64
C ASN A 139 11.80 8.36 9.50
N HIS A 140 12.86 7.61 9.24
CA HIS A 140 14.02 7.66 10.10
C HIS A 140 15.28 7.21 9.37
N THR A 141 16.40 7.31 10.08
CA THR A 141 17.65 6.79 9.59
C THR A 141 17.92 5.45 10.29
N SER A 142 18.51 5.51 11.48
CA SER A 142 18.88 4.29 12.20
C SER A 142 18.95 4.50 13.72
N PRO A 143 19.19 3.41 14.45
CA PRO A 143 19.28 3.47 15.91
C PRO A 143 20.33 4.48 16.34
N ALA A 144 20.00 5.28 17.35
CA ALA A 144 20.92 6.31 17.80
C ALA A 144 20.72 6.73 19.26
N SER A 145 21.73 7.40 19.79
CA SER A 145 21.70 7.93 21.14
C SER A 145 22.42 9.26 21.13
N SER A 146 21.70 10.34 21.41
CA SER A 146 22.30 11.67 21.39
C SER A 146 23.41 11.79 22.43
N ASP A 147 23.17 11.26 23.62
CA ASP A 147 24.15 11.31 24.70
C ASP A 147 25.40 10.47 24.40
N GLN A 148 25.23 9.43 23.60
CA GLN A 148 26.36 8.56 23.24
C GLN A 148 26.48 8.37 21.73
N PRO A 149 27.16 9.31 21.08
CA PRO A 149 27.32 9.30 19.63
C PRO A 149 28.10 8.10 19.10
N SER A 150 28.83 7.43 19.97
CA SER A 150 29.63 6.28 19.55
C SER A 150 28.76 5.03 19.37
N PHE A 151 27.50 5.11 19.78
CA PHE A 151 26.57 4.01 19.61
C PHE A 151 26.13 3.93 18.15
N ALA A 152 26.30 2.76 17.55
CA ALA A 152 25.95 2.56 16.14
C ALA A 152 26.61 3.63 15.29
N GLU A 153 25.86 4.17 14.34
CA GLU A 153 26.36 5.24 13.50
C GLU A 153 25.67 6.55 13.82
N ASN A 154 25.18 6.65 15.07
CA ASN A 154 24.55 7.87 15.57
C ASN A 154 23.45 8.39 14.66
N GLY A 155 22.78 7.49 13.96
CA GLY A 155 21.67 7.84 13.06
C GLY A 155 22.10 8.81 11.95
N ARG A 156 23.39 8.88 11.68
CA ARG A 156 23.93 9.79 10.66
C ARG A 156 23.25 9.65 9.30
N LEU A 157 22.97 10.80 8.67
CA LEU A 157 22.35 10.83 7.36
C LEU A 157 23.31 11.41 6.34
N TYR A 158 23.44 10.73 5.21
CA TYR A 158 24.31 11.18 4.14
C TYR A 158 23.53 11.48 2.87
N ASP A 159 24.07 12.35 2.05
CA ASP A 159 23.46 12.69 0.79
C ASP A 159 24.41 12.32 -0.33
N ASN A 160 24.24 11.11 -0.86
CA ASN A 160 25.12 10.62 -1.91
C ASN A 160 26.58 10.73 -1.45
N GLY A 161 26.83 10.38 -0.20
CA GLY A 161 28.19 10.40 0.34
C GLY A 161 28.50 11.61 1.24
N THR A 162 27.73 12.68 1.09
CA THR A 162 27.96 13.90 1.88
C THR A 162 27.21 13.86 3.21
N LEU A 163 27.96 13.91 4.31
CA LEU A 163 27.36 13.91 5.64
C LEU A 163 26.46 15.13 5.83
N LEU A 164 25.20 14.88 6.15
CA LEU A 164 24.27 15.97 6.43
C LEU A 164 24.26 16.26 7.92
N GLY A 165 24.20 15.20 8.72
CA GLY A 165 24.21 15.35 10.16
C GLY A 165 23.88 14.04 10.88
N GLY A 166 24.00 14.07 12.21
CA GLY A 166 23.71 12.90 13.04
C GLY A 166 22.80 13.28 14.21
N TYR A 167 22.40 12.28 14.99
CA TYR A 167 21.50 12.50 16.12
C TYR A 167 22.11 13.38 17.20
N THR A 168 23.42 13.24 17.41
CA THR A 168 24.14 14.04 18.40
C THR A 168 24.53 15.38 17.79
N ASN A 169 24.47 16.44 18.58
CA ASN A 169 24.79 17.78 18.10
C ASN A 169 23.99 18.13 16.85
N ASP A 170 22.71 17.80 16.87
CA ASP A 170 21.83 18.07 15.73
C ASP A 170 21.37 19.54 15.71
N THR A 171 22.31 20.44 15.55
CA THR A 171 22.02 21.87 15.53
C THR A 171 20.99 22.23 14.46
N GLN A 172 21.06 21.53 13.32
CA GLN A 172 20.16 21.79 12.20
C GLN A 172 18.75 21.30 12.47
N ASN A 173 18.61 20.39 13.41
CA ASN A 173 17.32 19.79 13.69
C ASN A 173 16.83 18.95 12.52
N LEU A 174 17.67 18.04 12.05
CA LEU A 174 17.30 17.14 10.97
C LEU A 174 16.41 16.06 11.55
N PHE A 175 16.52 15.85 12.87
CA PHE A 175 15.77 14.82 13.56
C PHE A 175 14.94 15.39 14.70
N HIS A 176 14.03 14.57 15.23
CA HIS A 176 13.24 14.95 16.39
C HIS A 176 13.98 14.53 17.64
N HIS A 177 13.82 15.31 18.70
CA HIS A 177 14.47 14.99 19.95
C HIS A 177 13.43 15.04 21.07
N ASN A 178 12.37 14.26 20.89
CA ASN A 178 11.25 14.24 21.82
C ASN A 178 11.09 12.87 22.47
N GLY A 179 12.20 12.13 22.57
CA GLY A 179 12.17 10.81 23.17
C GLY A 179 11.54 9.78 22.24
N GLY A 180 11.19 8.62 22.78
CA GLY A 180 10.59 7.56 22.00
C GLY A 180 9.07 7.53 22.20
N THR A 181 8.35 7.07 21.18
CA THR A 181 6.91 7.00 21.26
C THR A 181 6.45 5.85 22.13
N ASP A 182 5.29 6.01 22.77
CA ASP A 182 4.70 4.94 23.54
C ASP A 182 3.42 4.48 22.85
N PHE A 183 3.23 4.94 21.61
CA PHE A 183 2.09 4.57 20.80
C PHE A 183 0.77 4.92 21.46
N SER A 184 0.81 5.85 22.41
CA SER A 184 -0.38 6.25 23.14
C SER A 184 -1.35 7.06 22.24
N THR A 185 -0.78 7.93 21.41
CA THR A 185 -1.58 8.72 20.49
C THR A 185 -0.91 8.81 19.14
N THR A 186 -1.70 9.11 18.11
CA THR A 186 -1.17 9.27 16.78
C THR A 186 -0.07 10.33 16.76
N GLU A 187 -0.36 11.49 17.34
CA GLU A 187 0.62 12.56 17.42
C GLU A 187 1.89 12.05 18.10
N ASN A 188 1.71 11.34 19.21
CA ASN A 188 2.82 10.78 19.96
C ASN A 188 3.67 9.87 19.07
N GLY A 189 3.01 9.05 18.28
CA GLY A 189 3.68 8.09 17.41
C GLY A 189 4.36 8.77 16.22
N ILE A 190 3.92 9.97 15.89
CA ILE A 190 4.49 10.68 14.74
C ILE A 190 5.71 11.50 15.11
N TYR A 191 5.61 12.27 16.19
CA TYR A 191 6.67 13.19 16.55
C TYR A 191 7.69 12.69 17.57
N LYS A 192 7.62 11.40 17.87
CA LYS A 192 8.61 10.76 18.74
C LYS A 192 9.24 9.60 17.99
N ASN A 193 10.38 9.14 18.47
CA ASN A 193 11.11 8.05 17.79
C ASN A 193 10.38 6.72 17.83
N LEU A 194 10.55 5.95 16.76
CA LEU A 194 10.09 4.58 16.71
C LEU A 194 11.24 3.76 17.29
N TYR A 195 11.04 3.18 18.46
CA TYR A 195 12.12 2.47 19.15
C TYR A 195 13.24 3.48 19.44
N ASP A 196 14.45 3.16 18.99
CA ASP A 196 15.59 4.07 19.17
C ASP A 196 16.01 4.69 17.84
N LEU A 197 15.17 4.56 16.83
CA LEU A 197 15.48 5.09 15.50
C LEU A 197 15.40 6.61 15.46
N ALA A 198 16.45 7.23 14.90
CA ALA A 198 16.50 8.68 14.77
C ALA A 198 15.37 9.18 13.88
N ASP A 199 14.41 9.88 14.48
CA ASP A 199 13.25 10.37 13.75
C ASP A 199 13.58 11.57 12.87
N LEU A 200 13.37 11.43 11.57
CA LEU A 200 13.61 12.52 10.65
C LEU A 200 12.57 13.60 10.84
N ASN A 201 13.02 14.85 10.78
CA ASN A 201 12.13 16.00 10.93
C ASN A 201 11.78 16.55 9.55
N HIS A 202 10.62 16.15 9.06
CA HIS A 202 10.19 16.56 7.73
C HIS A 202 9.78 18.02 7.61
N ASN A 203 9.85 18.73 8.73
CA ASN A 203 9.60 20.17 8.71
C ASN A 203 10.90 20.89 8.42
N ASN A 204 11.99 20.14 8.42
CA ASN A 204 13.30 20.68 8.08
C ASN A 204 13.42 20.66 6.55
N SER A 205 13.56 21.84 5.96
CA SER A 205 13.60 21.97 4.49
C SER A 205 14.61 21.03 3.83
N THR A 206 15.80 20.94 4.43
CA THR A 206 16.85 20.07 3.89
C THR A 206 16.34 18.64 3.79
N VAL A 207 15.77 18.17 4.89
CA VAL A 207 15.25 16.81 4.96
C VAL A 207 14.13 16.61 3.94
N ASP A 208 13.20 17.57 3.90
CA ASP A 208 12.07 17.50 2.97
C ASP A 208 12.53 17.43 1.52
N VAL A 209 13.37 18.38 1.12
CA VAL A 209 13.86 18.43 -0.25
C VAL A 209 14.71 17.22 -0.59
N TYR A 210 15.52 16.79 0.38
CA TYR A 210 16.40 15.63 0.20
C TYR A 210 15.61 14.35 -0.10
N LEU A 211 14.64 14.04 0.76
CA LEU A 211 13.85 12.82 0.59
C LEU A 211 13.07 12.82 -0.70
N LYS A 212 12.58 14.00 -1.10
CA LYS A 212 11.82 14.11 -2.33
C LYS A 212 12.72 13.94 -3.54
N ASP A 213 13.97 14.39 -3.41
CA ASP A 213 14.96 14.20 -4.46
C ASP A 213 15.37 12.73 -4.52
N ALA A 214 15.50 12.11 -3.35
CA ALA A 214 15.90 10.70 -3.28
C ALA A 214 14.93 9.77 -4.01
N ILE A 215 13.64 9.88 -3.73
CA ILE A 215 12.65 9.03 -4.38
C ILE A 215 12.67 9.21 -5.90
N LYS A 216 12.96 10.43 -6.35
CA LYS A 216 13.06 10.70 -7.78
C LYS A 216 14.14 9.84 -8.43
N MET A 217 15.26 9.67 -7.74
CA MET A 217 16.34 8.83 -8.25
C MET A 217 15.83 7.42 -8.50
N TRP A 218 15.12 6.86 -7.53
CA TRP A 218 14.58 5.51 -7.65
C TRP A 218 13.51 5.42 -8.72
N LEU A 219 12.69 6.47 -8.84
CA LEU A 219 11.69 6.53 -9.89
C LEU A 219 12.41 6.54 -11.24
N ASP A 220 13.51 7.27 -11.31
CA ASP A 220 14.31 7.34 -12.52
C ASP A 220 14.93 5.98 -12.84
N LEU A 221 15.18 5.19 -11.80
CA LEU A 221 15.75 3.85 -11.97
C LEU A 221 14.73 2.84 -12.50
N GLY A 222 13.47 3.26 -12.57
CA GLY A 222 12.43 2.44 -13.19
C GLY A 222 11.56 1.61 -12.25
N ILE A 223 11.56 1.93 -10.95
CA ILE A 223 10.69 1.21 -10.03
C ILE A 223 9.24 1.37 -10.47
N ASP A 224 8.41 0.39 -10.14
CA ASP A 224 7.01 0.42 -10.55
C ASP A 224 6.08 0.70 -9.39
N GLY A 225 6.62 0.77 -8.19
CA GLY A 225 5.81 1.01 -7.01
C GLY A 225 6.63 1.22 -5.77
N ILE A 226 5.99 1.69 -4.72
CA ILE A 226 6.65 1.95 -3.45
C ILE A 226 5.83 1.44 -2.29
N ARG A 227 6.50 0.79 -1.34
CA ARG A 227 5.87 0.37 -0.10
C ARG A 227 6.41 1.27 1.01
N MET A 228 5.60 2.25 1.43
CA MET A 228 6.02 3.22 2.45
C MET A 228 5.96 2.63 3.84
N ALA A 229 7.10 2.61 4.52
CA ALA A 229 7.18 2.05 5.87
C ALA A 229 6.68 3.03 6.93
N ALA A 230 6.10 2.49 7.99
CA ALA A 230 5.67 3.27 9.16
C ALA A 230 4.92 4.56 8.82
N VAL A 231 3.91 4.46 7.97
CA VAL A 231 3.15 5.65 7.58
C VAL A 231 2.35 6.28 8.72
N LYS A 232 2.07 5.51 9.77
CA LYS A 232 1.35 6.06 10.90
C LYS A 232 2.29 6.91 11.77
N HIS A 233 3.56 6.96 11.38
CA HIS A 233 4.56 7.66 12.18
C HIS A 233 5.22 8.86 11.49
N MET A 234 4.61 9.30 10.40
CA MET A 234 5.05 10.49 9.70
C MET A 234 3.84 11.40 9.54
N PRO A 235 4.07 12.71 9.51
CA PRO A 235 2.96 13.66 9.38
C PRO A 235 2.17 13.33 8.12
N PHE A 236 0.86 13.16 8.28
CA PHE A 236 0.00 12.80 7.15
C PHE A 236 0.03 13.88 6.08
N GLY A 237 0.15 15.14 6.51
CA GLY A 237 0.21 16.26 5.59
C GLY A 237 1.48 16.20 4.76
N TRP A 238 2.60 15.89 5.40
CA TRP A 238 3.85 15.79 4.69
C TRP A 238 3.82 14.64 3.68
N GLN A 239 3.23 13.53 4.08
CA GLN A 239 3.15 12.37 3.20
C GLN A 239 2.32 12.67 1.96
N LYS A 240 1.27 13.46 2.12
CA LYS A 240 0.47 13.84 0.98
C LYS A 240 1.33 14.66 0.04
N SER A 241 2.17 15.52 0.61
CA SER A 241 3.06 16.35 -0.18
C SER A 241 4.13 15.49 -0.86
N PHE A 242 4.52 14.40 -0.20
CA PHE A 242 5.48 13.48 -0.78
C PHE A 242 4.84 12.75 -1.95
N MET A 243 3.61 12.30 -1.77
CA MET A 243 2.88 11.60 -2.82
C MET A 243 2.63 12.54 -4.01
N ALA A 244 2.44 13.82 -3.72
CA ALA A 244 2.24 14.82 -4.77
C ALA A 244 3.53 14.95 -5.57
N ALA A 245 4.65 15.01 -4.86
CA ALA A 245 5.95 15.09 -5.51
C ALA A 245 6.12 13.93 -6.47
N VAL A 246 5.80 12.73 -6.00
CA VAL A 246 5.90 11.54 -6.81
C VAL A 246 4.95 11.60 -8.00
N ASN A 247 3.68 11.87 -7.71
CA ASN A 247 2.66 11.87 -8.74
C ASN A 247 2.84 12.94 -9.79
N ASN A 248 3.32 14.10 -9.37
CA ASN A 248 3.51 15.21 -10.28
C ASN A 248 4.79 15.06 -11.08
N TYR A 249 5.50 13.96 -10.86
CA TYR A 249 6.72 13.68 -11.61
C TYR A 249 6.57 12.38 -12.39
N LYS A 250 6.65 11.27 -11.68
CA LYS A 250 6.47 9.96 -12.28
C LYS A 250 5.64 9.12 -11.31
N PRO A 251 4.32 9.16 -11.48
CA PRO A 251 3.41 8.46 -10.58
C PRO A 251 3.59 6.95 -10.60
N VAL A 252 3.74 6.36 -9.42
CA VAL A 252 3.82 4.90 -9.29
C VAL A 252 2.99 4.44 -8.12
N PHE A 253 2.33 3.29 -8.29
CA PHE A 253 1.47 2.71 -7.26
C PHE A 253 2.20 2.68 -5.91
N THR A 254 1.59 3.33 -4.92
CA THR A 254 2.20 3.43 -3.61
C THR A 254 1.24 3.03 -2.50
N PHE A 255 1.72 2.23 -1.57
CA PHE A 255 0.92 1.83 -0.42
C PHE A 255 1.76 1.87 0.85
N GLY A 256 1.13 2.25 1.96
CA GLY A 256 1.85 2.39 3.22
C GLY A 256 1.56 1.29 4.23
N ALA A 257 2.48 1.11 5.17
CA ALA A 257 2.32 0.11 6.21
C ALA A 257 1.80 0.75 7.49
N TRP A 258 0.52 0.56 7.75
CA TRP A 258 -0.16 1.10 8.94
C TRP A 258 -0.74 -0.08 9.69
N PHE A 259 -0.05 -0.50 10.75
CA PHE A 259 -0.48 -1.68 11.49
C PHE A 259 -1.84 -1.55 12.14
N LEU A 260 -2.61 -2.63 12.08
CA LEU A 260 -3.88 -2.73 12.76
C LEU A 260 -3.88 -4.06 13.51
N GLY A 261 -4.31 -4.05 14.76
CA GLY A 261 -4.33 -5.26 15.57
C GLY A 261 -5.60 -6.06 15.32
N VAL A 262 -5.75 -7.17 16.03
CA VAL A 262 -6.95 -8.00 15.91
C VAL A 262 -8.18 -7.20 16.29
N ASN A 263 -9.21 -7.27 15.45
CA ASN A 263 -10.47 -6.57 15.68
C ASN A 263 -10.38 -5.05 15.62
N GLU A 264 -9.22 -4.52 15.23
CA GLU A 264 -9.07 -3.08 15.15
C GLU A 264 -9.54 -2.49 13.82
N VAL A 265 -10.45 -1.54 13.91
CA VAL A 265 -10.94 -0.82 12.74
C VAL A 265 -10.73 0.67 13.00
N SER A 266 -9.85 1.30 12.22
CA SER A 266 -9.50 2.69 12.46
C SER A 266 -10.01 3.66 11.39
N PRO A 267 -10.85 4.59 11.79
CA PRO A 267 -11.37 5.60 10.88
C PRO A 267 -10.23 6.44 10.35
N GLU A 268 -9.25 6.71 11.21
CA GLU A 268 -8.08 7.47 10.80
C GLU A 268 -7.39 6.74 9.67
N ASN A 269 -7.25 5.43 9.83
CA ASN A 269 -6.64 4.59 8.83
C ASN A 269 -7.38 4.75 7.50
N HIS A 270 -8.71 4.70 7.56
CA HIS A 270 -9.54 4.86 6.37
C HIS A 270 -9.30 6.22 5.73
N LYS A 271 -9.32 7.26 6.55
CA LYS A 271 -9.13 8.61 6.06
C LYS A 271 -7.78 8.76 5.37
N PHE A 272 -6.75 8.17 5.96
CA PHE A 272 -5.42 8.22 5.39
C PHE A 272 -5.41 7.59 4.00
N ALA A 273 -5.94 6.38 3.91
CA ALA A 273 -6.01 5.67 2.64
C ALA A 273 -6.87 6.43 1.64
N ASN A 274 -7.84 7.18 2.17
CA ASN A 274 -8.78 7.90 1.33
C ASN A 274 -8.29 9.27 0.85
N GLU A 275 -7.33 9.88 1.55
CA GLU A 275 -6.90 11.24 1.19
C GLU A 275 -5.40 11.52 1.10
N SER A 276 -4.57 10.56 1.48
CA SER A 276 -3.12 10.78 1.50
C SER A 276 -2.48 10.78 0.12
N GLY A 277 -3.05 10.01 -0.79
CA GLY A 277 -2.48 9.85 -2.12
C GLY A 277 -1.86 8.47 -2.29
N MET A 278 -1.99 7.65 -1.25
CA MET A 278 -1.48 6.28 -1.28
C MET A 278 -2.50 5.36 -0.63
N SER A 279 -2.46 4.08 -0.98
CA SER A 279 -3.34 3.10 -0.35
C SER A 279 -2.60 2.48 0.82
N LEU A 280 -3.13 1.41 1.38
CA LEU A 280 -2.49 0.80 2.53
C LEU A 280 -2.46 -0.69 2.46
N LEU A 281 -1.57 -1.27 3.27
CA LEU A 281 -1.54 -2.70 3.45
C LEU A 281 -2.79 -3.02 4.26
N ASP A 282 -3.59 -3.94 3.75
CA ASP A 282 -4.88 -4.25 4.36
C ASP A 282 -4.75 -5.09 5.61
N PHE A 283 -4.37 -4.47 6.72
CA PHE A 283 -4.25 -5.19 8.00
C PHE A 283 -5.61 -5.66 8.48
N ARG A 284 -6.64 -4.88 8.20
CA ARG A 284 -8.00 -5.24 8.56
C ARG A 284 -8.32 -6.59 7.95
N PHE A 285 -8.02 -6.71 6.67
CA PHE A 285 -8.26 -7.93 5.91
C PHE A 285 -7.43 -9.10 6.46
N ALA A 286 -6.13 -8.88 6.60
CA ALA A 286 -5.21 -9.93 7.07
C ALA A 286 -5.57 -10.47 8.45
N GLN A 287 -5.81 -9.58 9.39
CA GLN A 287 -6.14 -9.97 10.76
C GLN A 287 -7.41 -10.82 10.79
N LYS A 288 -8.42 -10.41 10.04
CA LYS A 288 -9.68 -11.15 10.00
C LYS A 288 -9.46 -12.52 9.37
N VAL A 289 -8.62 -12.56 8.34
CA VAL A 289 -8.31 -13.81 7.67
C VAL A 289 -7.64 -14.80 8.62
N ARG A 290 -6.75 -14.28 9.45
CA ARG A 290 -6.05 -15.11 10.42
C ARG A 290 -7.01 -15.62 11.49
N GLN A 291 -7.93 -14.76 11.92
CA GLN A 291 -8.91 -15.12 12.93
C GLN A 291 -9.78 -16.26 12.43
N VAL A 292 -10.24 -16.15 11.18
CA VAL A 292 -11.16 -17.09 10.59
C VAL A 292 -10.51 -18.39 10.10
N PHE A 293 -9.35 -18.28 9.49
CA PHE A 293 -8.70 -19.43 8.87
C PHE A 293 -7.58 -20.06 9.70
N ARG A 294 -6.95 -19.26 10.54
CA ARG A 294 -5.80 -19.72 11.29
C ARG A 294 -6.07 -20.00 12.76
N ASP A 295 -6.56 -18.99 13.47
CA ASP A 295 -6.74 -19.08 14.90
C ASP A 295 -8.15 -19.46 15.35
N ASN A 296 -9.08 -19.49 14.41
CA ASN A 296 -10.45 -19.87 14.75
C ASN A 296 -11.02 -18.97 15.86
N THR A 297 -10.89 -17.66 15.69
CA THR A 297 -11.41 -16.72 16.68
C THR A 297 -12.63 -15.96 16.14
N ASP A 298 -12.98 -16.23 14.90
CA ASP A 298 -14.17 -15.65 14.28
C ASP A 298 -14.55 -16.58 13.14
N ASN A 299 -15.77 -16.46 12.67
CA ASN A 299 -16.25 -17.33 11.61
C ASN A 299 -16.52 -16.58 10.33
N MET A 300 -17.16 -17.25 9.38
CA MET A 300 -17.43 -16.67 8.08
C MET A 300 -18.25 -15.38 8.14
N TYR A 301 -19.08 -15.25 9.17
CA TYR A 301 -19.87 -14.04 9.32
C TYR A 301 -18.97 -12.83 9.56
N GLY A 302 -17.89 -13.07 10.29
CA GLY A 302 -16.90 -12.03 10.57
C GLY A 302 -16.12 -11.70 9.31
N LEU A 303 -15.82 -12.72 8.52
CA LEU A 303 -15.13 -12.52 7.26
C LEU A 303 -15.98 -11.67 6.33
N LYS A 304 -17.27 -12.00 6.24
CA LYS A 304 -18.20 -11.25 5.41
C LYS A 304 -18.34 -9.80 5.88
N ALA A 305 -18.40 -9.61 7.19
CA ALA A 305 -18.52 -8.27 7.75
C ALA A 305 -17.31 -7.43 7.36
N MET A 306 -16.14 -8.03 7.44
CA MET A 306 -14.91 -7.34 7.07
C MET A 306 -14.95 -6.94 5.60
N LEU A 307 -15.42 -7.85 4.75
CA LEU A 307 -15.49 -7.58 3.32
C LEU A 307 -16.47 -6.45 2.99
N GLU A 308 -17.65 -6.49 3.60
CA GLU A 308 -18.66 -5.46 3.34
C GLU A 308 -18.26 -4.12 3.96
N GLY A 309 -17.78 -4.16 5.18
CA GLY A 309 -17.36 -2.95 5.87
C GLY A 309 -16.21 -2.27 5.13
N SER A 310 -15.18 -3.04 4.82
CA SER A 310 -14.02 -2.49 4.14
C SER A 310 -14.39 -1.89 2.78
N ALA A 311 -15.29 -2.55 2.06
CA ALA A 311 -15.73 -2.06 0.75
C ALA A 311 -16.41 -0.70 0.88
N ALA A 312 -16.97 -0.42 2.05
CA ALA A 312 -17.66 0.84 2.29
C ALA A 312 -16.73 1.88 2.93
N ASP A 313 -15.74 1.41 3.65
CA ASP A 313 -14.83 2.31 4.36
C ASP A 313 -13.69 2.87 3.50
N TYR A 314 -13.24 2.08 2.54
CA TYR A 314 -12.15 2.52 1.65
C TYR A 314 -12.70 3.03 0.33
N ALA A 315 -12.37 4.29 0.01
CA ALA A 315 -12.82 4.89 -1.25
C ALA A 315 -12.38 4.04 -2.43
N GLN A 316 -11.16 3.52 -2.34
CA GLN A 316 -10.62 2.64 -3.37
C GLN A 316 -10.17 1.35 -2.71
N VAL A 317 -11.14 0.49 -2.39
CA VAL A 317 -10.84 -0.76 -1.71
C VAL A 317 -9.95 -1.65 -2.56
N ASP A 318 -9.99 -1.46 -3.87
CA ASP A 318 -9.21 -2.28 -4.78
C ASP A 318 -7.72 -1.93 -4.82
N ASP A 319 -7.33 -0.90 -4.08
CA ASP A 319 -5.93 -0.50 -4.01
C ASP A 319 -5.25 -0.99 -2.75
N GLN A 320 -6.04 -1.58 -1.85
CA GLN A 320 -5.51 -2.08 -0.60
C GLN A 320 -4.73 -3.37 -0.82
N VAL A 321 -3.51 -3.43 -0.29
CA VAL A 321 -2.64 -4.59 -0.46
C VAL A 321 -2.91 -5.63 0.61
N THR A 322 -3.53 -6.72 0.22
CA THR A 322 -3.91 -7.78 1.14
C THR A 322 -2.78 -8.78 1.36
N PHE A 323 -2.89 -9.55 2.44
CA PHE A 323 -1.89 -10.55 2.78
C PHE A 323 -2.39 -11.38 3.95
N ILE A 324 -1.72 -12.49 4.22
CA ILE A 324 -2.10 -13.36 5.34
C ILE A 324 -1.05 -13.36 6.45
N ASP A 325 0.12 -12.84 6.14
CA ASP A 325 1.18 -12.66 7.12
C ASP A 325 2.30 -11.79 6.56
N ASN A 326 3.31 -11.55 7.37
CA ASN A 326 4.45 -10.76 6.91
C ASN A 326 5.63 -10.84 7.86
N HIS A 327 6.65 -10.05 7.58
CA HIS A 327 7.89 -10.05 8.36
C HIS A 327 7.72 -9.51 9.77
N ASP A 328 6.53 -9.03 10.10
CA ASP A 328 6.29 -8.46 11.44
C ASP A 328 5.32 -9.27 12.28
N MET A 329 4.82 -10.37 11.73
CA MET A 329 3.94 -11.24 12.50
C MET A 329 4.33 -12.70 12.31
N GLU A 330 3.87 -13.55 13.22
CA GLU A 330 4.17 -14.96 13.13
C GLU A 330 3.72 -15.44 11.77
N ARG A 331 4.43 -16.41 11.21
CA ARG A 331 4.06 -16.93 9.91
C ARG A 331 2.73 -17.63 10.01
N PHE A 332 1.89 -17.45 9.00
CA PHE A 332 0.55 -18.00 9.01
C PHE A 332 0.53 -19.49 9.36
N HIS A 333 1.39 -20.25 8.70
CA HIS A 333 1.42 -21.68 8.93
C HIS A 333 2.08 -22.05 10.24
N ALA A 334 1.28 -22.59 11.16
CA ALA A 334 1.82 -23.10 12.42
C ALA A 334 2.36 -24.49 12.11
N SER A 335 3.60 -24.74 12.54
CA SER A 335 4.28 -26.01 12.22
C SER A 335 3.41 -27.25 12.44
N ASN A 336 2.48 -27.18 13.39
CA ASN A 336 1.63 -28.32 13.72
C ASN A 336 0.27 -28.27 13.02
N ALA A 337 -0.03 -27.16 12.37
CA ALA A 337 -1.34 -26.97 11.76
C ALA A 337 -1.55 -27.74 10.46
N ASN A 338 -2.80 -27.92 10.08
CA ASN A 338 -3.14 -28.55 8.83
C ASN A 338 -2.85 -27.57 7.70
N ARG A 339 -2.14 -28.03 6.67
CA ARG A 339 -1.74 -27.16 5.57
C ARG A 339 -2.90 -26.54 4.80
N ARG A 340 -4.06 -27.19 4.83
CA ARG A 340 -5.23 -26.71 4.10
C ARG A 340 -5.64 -25.31 4.57
N LYS A 341 -5.32 -24.98 5.81
CA LYS A 341 -5.64 -23.68 6.37
C LYS A 341 -4.93 -22.59 5.59
N LEU A 342 -3.63 -22.79 5.36
CA LEU A 342 -2.81 -21.84 4.62
C LEU A 342 -3.26 -21.79 3.17
N GLU A 343 -3.57 -22.95 2.61
CA GLU A 343 -3.96 -23.06 1.21
C GLU A 343 -5.27 -22.33 0.95
N GLN A 344 -6.22 -22.44 1.88
CA GLN A 344 -7.49 -21.77 1.75
C GLN A 344 -7.31 -20.27 1.90
N ALA A 345 -6.59 -19.86 2.93
CA ALA A 345 -6.31 -18.45 3.17
C ALA A 345 -5.69 -17.84 1.92
N LEU A 346 -4.80 -18.61 1.28
CA LEU A 346 -4.14 -18.18 0.06
C LEU A 346 -5.15 -18.00 -1.06
N ALA A 347 -5.92 -19.06 -1.31
CA ALA A 347 -6.92 -19.03 -2.37
C ALA A 347 -7.87 -17.85 -2.17
N PHE A 348 -8.32 -17.67 -0.93
CA PHE A 348 -9.23 -16.58 -0.60
C PHE A 348 -8.61 -15.25 -0.99
N THR A 349 -7.39 -15.02 -0.54
CA THR A 349 -6.69 -13.78 -0.79
C THR A 349 -6.48 -13.52 -2.28
N LEU A 350 -6.03 -14.53 -3.00
CA LEU A 350 -5.75 -14.40 -4.42
C LEU A 350 -6.99 -14.04 -5.24
N THR A 351 -8.16 -14.41 -4.73
CA THR A 351 -9.40 -14.18 -5.47
C THR A 351 -10.25 -13.06 -4.90
N SER A 352 -9.74 -12.40 -3.86
CA SER A 352 -10.48 -11.32 -3.23
C SER A 352 -10.06 -9.95 -3.76
N ARG A 353 -10.85 -8.92 -3.47
CA ARG A 353 -10.59 -7.58 -3.95
C ARG A 353 -9.28 -7.02 -3.39
N GLY A 354 -8.68 -6.07 -4.10
CA GLY A 354 -7.45 -5.42 -3.66
C GLY A 354 -6.21 -5.89 -4.44
N VAL A 355 -5.06 -5.87 -3.77
CA VAL A 355 -3.80 -6.29 -4.39
C VAL A 355 -3.09 -7.29 -3.47
N PRO A 356 -3.22 -8.57 -3.79
CA PRO A 356 -2.65 -9.63 -2.97
C PRO A 356 -1.12 -9.63 -2.94
N ALA A 357 -0.57 -9.78 -1.75
CA ALA A 357 0.87 -9.88 -1.55
C ALA A 357 1.16 -11.15 -0.78
N ILE A 358 2.11 -11.93 -1.27
CA ILE A 358 2.49 -13.18 -0.61
C ILE A 358 3.89 -13.08 -0.02
N TYR A 359 3.99 -13.27 1.28
CA TYR A 359 5.27 -13.23 1.97
C TYR A 359 6.12 -14.41 1.47
N TYR A 360 7.34 -14.13 1.03
CA TYR A 360 8.24 -15.18 0.47
C TYR A 360 8.29 -16.41 1.39
N GLY A 361 8.18 -17.59 0.79
CA GLY A 361 8.29 -18.83 1.55
C GLY A 361 6.94 -19.41 1.98
N THR A 362 5.89 -18.60 1.94
CA THR A 362 4.55 -19.05 2.31
C THR A 362 4.22 -20.31 1.53
N GLU A 363 4.60 -20.30 0.25
CA GLU A 363 4.33 -21.40 -0.65
C GLU A 363 5.16 -22.64 -0.31
N GLN A 364 6.13 -22.48 0.58
CA GLN A 364 6.95 -23.60 1.03
C GLN A 364 6.57 -24.02 2.45
N TYR A 365 5.45 -23.50 2.94
CA TYR A 365 4.96 -23.83 4.28
C TYR A 365 5.94 -23.48 5.38
N MET A 366 6.60 -22.35 5.25
CA MET A 366 7.54 -21.90 6.26
C MET A 366 6.78 -21.54 7.53
N SER A 367 7.33 -21.93 8.68
CA SER A 367 6.75 -21.61 9.97
C SER A 367 7.75 -20.78 10.73
N GLY A 368 7.27 -19.92 11.61
CA GLY A 368 8.17 -19.07 12.38
C GLY A 368 7.43 -18.11 13.27
N GLY A 369 8.02 -17.82 14.42
CA GLY A 369 7.43 -16.89 15.36
C GLY A 369 7.69 -15.47 14.92
N THR A 370 7.67 -14.55 15.87
CA THR A 370 7.89 -13.16 15.56
C THR A 370 9.35 -12.86 15.30
N ASP A 371 9.57 -11.70 14.68
CA ASP A 371 10.89 -11.12 14.38
C ASP A 371 11.97 -11.53 15.39
N PRO A 372 12.98 -12.27 14.92
CA PRO A 372 13.23 -12.50 13.50
C PRO A 372 12.91 -13.93 13.03
N ASP A 373 12.34 -14.74 13.91
CA ASP A 373 12.06 -16.14 13.60
C ASP A 373 11.18 -16.33 12.37
N ASN A 374 10.57 -15.25 11.92
CA ASN A 374 9.72 -15.29 10.74
C ASN A 374 10.48 -14.86 9.49
N ARG A 375 11.78 -14.62 9.65
CA ARG A 375 12.61 -14.16 8.54
C ARG A 375 13.74 -15.13 8.21
N ALA A 376 13.45 -16.42 8.19
CA ALA A 376 14.47 -17.42 7.88
C ALA A 376 14.66 -17.55 6.36
N ARG A 377 15.82 -18.08 5.96
CA ARG A 377 16.10 -18.28 4.54
C ARG A 377 15.09 -19.26 3.94
N ILE A 378 14.55 -18.93 2.78
CA ILE A 378 13.61 -19.83 2.11
C ILE A 378 14.32 -21.17 1.95
N PRO A 379 13.72 -22.22 2.49
CA PRO A 379 14.39 -23.53 2.56
C PRO A 379 14.27 -24.37 1.30
N SER A 380 13.52 -23.90 0.33
CA SER A 380 13.29 -24.67 -0.87
C SER A 380 12.73 -23.84 -2.00
N PHE A 381 13.01 -24.24 -3.22
CA PHE A 381 12.48 -23.58 -4.39
C PHE A 381 11.69 -24.60 -5.20
N SER A 382 10.97 -25.46 -4.48
CA SER A 382 10.17 -26.51 -5.10
C SER A 382 8.85 -25.97 -5.64
N THR A 383 8.50 -26.40 -6.85
CA THR A 383 7.26 -26.01 -7.48
C THR A 383 6.21 -27.07 -7.22
N SER A 384 6.59 -28.08 -6.43
CA SER A 384 5.73 -29.24 -6.22
C SER A 384 4.77 -29.14 -5.03
N THR A 385 4.89 -28.09 -4.22
CA THR A 385 3.99 -27.95 -3.09
C THR A 385 2.58 -27.62 -3.55
N THR A 386 1.59 -28.00 -2.75
CA THR A 386 0.21 -27.72 -3.07
C THR A 386 -0.03 -26.21 -3.11
N ALA A 387 0.56 -25.49 -2.16
CA ALA A 387 0.43 -24.05 -2.09
C ALA A 387 0.99 -23.38 -3.35
N TYR A 388 2.14 -23.88 -3.82
CA TYR A 388 2.74 -23.33 -5.01
C TYR A 388 1.77 -23.44 -6.18
N GLN A 389 1.13 -24.60 -6.31
CA GLN A 389 0.18 -24.85 -7.39
C GLN A 389 -1.10 -24.04 -7.25
N VAL A 390 -1.48 -23.73 -6.01
CA VAL A 390 -2.67 -22.93 -5.77
C VAL A 390 -2.44 -21.55 -6.36
N ILE A 391 -1.31 -20.95 -5.99
CA ILE A 391 -0.94 -19.63 -6.49
C ILE A 391 -0.80 -19.68 -8.01
N GLN A 392 -0.24 -20.78 -8.49
CA GLN A 392 -0.03 -20.98 -9.91
C GLN A 392 -1.35 -21.00 -10.68
N LYS A 393 -2.39 -21.55 -10.06
CA LYS A 393 -3.69 -21.67 -10.72
C LYS A 393 -4.54 -20.41 -10.59
N LEU A 394 -4.38 -19.70 -9.47
CA LEU A 394 -5.22 -18.54 -9.20
C LEU A 394 -4.63 -17.17 -9.58
N ALA A 395 -3.32 -17.02 -9.42
CA ALA A 395 -2.67 -15.74 -9.72
C ALA A 395 -3.02 -15.21 -11.11
N PRO A 396 -2.91 -16.08 -12.12
CA PRO A 396 -3.18 -15.69 -13.51
C PRO A 396 -4.61 -15.19 -13.73
N LEU A 397 -5.53 -15.62 -12.87
CA LEU A 397 -6.93 -15.23 -12.98
C LEU A 397 -7.09 -13.72 -12.82
N ARG A 398 -6.22 -13.13 -12.01
CA ARG A 398 -6.28 -11.70 -11.77
C ARG A 398 -5.99 -10.95 -13.05
N LYS A 399 -5.31 -11.61 -13.97
CA LYS A 399 -5.01 -11.02 -15.26
C LYS A 399 -6.12 -11.28 -16.27
N SER A 400 -6.54 -12.54 -16.35
CA SER A 400 -7.52 -12.95 -17.33
C SER A 400 -8.97 -12.60 -16.99
N ASN A 401 -9.27 -12.51 -15.70
CA ASN A 401 -10.65 -12.19 -15.28
C ASN A 401 -10.75 -10.90 -14.49
N PRO A 402 -11.20 -9.85 -15.16
CA PRO A 402 -11.29 -8.53 -14.54
C PRO A 402 -12.22 -8.49 -13.33
N ALA A 403 -13.10 -9.47 -13.21
CA ALA A 403 -13.99 -9.54 -12.06
C ALA A 403 -13.15 -9.68 -10.78
N ILE A 404 -12.07 -10.44 -10.88
CA ILE A 404 -11.19 -10.65 -9.74
C ILE A 404 -10.36 -9.41 -9.45
N ALA A 405 -9.93 -8.72 -10.51
CA ALA A 405 -9.11 -7.53 -10.35
C ALA A 405 -9.93 -6.30 -9.91
N TYR A 406 -11.11 -6.12 -10.51
CA TYR A 406 -11.93 -4.92 -10.28
C TYR A 406 -13.34 -5.16 -9.75
N GLY A 407 -13.76 -6.41 -9.71
CA GLY A 407 -15.15 -6.73 -9.37
C GLY A 407 -15.60 -6.36 -7.96
N SER A 408 -16.92 -6.18 -7.81
CA SER A 408 -17.53 -5.99 -6.52
C SER A 408 -17.43 -7.34 -5.82
N THR A 409 -17.84 -7.38 -4.55
CA THR A 409 -17.84 -8.62 -3.79
C THR A 409 -19.22 -8.81 -3.19
N GLN A 410 -19.79 -10.00 -3.36
CA GLN A 410 -21.11 -10.29 -2.82
C GLN A 410 -21.21 -11.70 -2.26
N GLU A 411 -21.70 -11.81 -1.03
CA GLU A 411 -21.89 -13.10 -0.40
C GLU A 411 -23.09 -13.78 -1.05
N ARG A 412 -22.89 -15.03 -1.50
CA ARG A 412 -23.97 -15.76 -2.17
C ARG A 412 -24.45 -16.94 -1.36
N TRP A 413 -23.63 -17.39 -0.42
CA TRP A 413 -23.98 -18.50 0.47
C TRP A 413 -23.09 -18.40 1.69
N ILE A 414 -23.67 -18.64 2.87
CA ILE A 414 -22.92 -18.47 4.08
C ILE A 414 -23.47 -19.20 5.30
N ASN A 415 -22.56 -19.75 6.09
CA ASN A 415 -22.86 -20.26 7.40
C ASN A 415 -21.61 -20.09 8.27
N ASN A 416 -21.54 -20.77 9.39
CA ASN A 416 -20.38 -20.66 10.28
C ASN A 416 -19.08 -20.87 9.54
N ASP A 417 -19.02 -21.96 8.79
CA ASP A 417 -17.78 -22.42 8.18
C ASP A 417 -17.66 -22.20 6.68
N VAL A 418 -18.78 -21.91 6.04
CA VAL A 418 -18.78 -21.77 4.59
C VAL A 418 -19.05 -20.36 4.12
N LEU A 419 -18.26 -19.93 3.15
CA LEU A 419 -18.52 -18.66 2.48
C LEU A 419 -18.39 -18.86 0.99
N ILE A 420 -19.43 -18.51 0.28
CA ILE A 420 -19.39 -18.55 -1.16
C ILE A 420 -19.64 -17.14 -1.65
N TYR A 421 -18.61 -16.53 -2.23
CA TYR A 421 -18.70 -15.14 -2.67
C TYR A 421 -18.54 -14.96 -4.15
N GLU A 422 -19.09 -13.88 -4.66
CA GLU A 422 -19.06 -13.60 -6.09
C GLU A 422 -18.36 -12.29 -6.38
N ARG A 423 -17.50 -12.31 -7.39
CA ARG A 423 -16.84 -11.12 -7.88
C ARG A 423 -17.43 -10.83 -9.25
N LYS A 424 -17.82 -9.59 -9.48
CA LYS A 424 -18.44 -9.23 -10.75
C LYS A 424 -17.94 -7.90 -11.29
N PHE A 425 -17.57 -7.89 -12.57
CA PHE A 425 -17.15 -6.67 -13.26
C PHE A 425 -17.57 -6.76 -14.72
N GLY A 426 -18.51 -5.91 -15.10
CA GLY A 426 -19.04 -5.93 -16.46
C GLY A 426 -19.63 -7.29 -16.75
N SER A 427 -19.22 -7.89 -17.88
CA SER A 427 -19.73 -9.21 -18.26
C SER A 427 -18.82 -10.32 -17.74
N ASN A 428 -18.12 -10.05 -16.65
CA ASN A 428 -17.21 -11.04 -16.08
C ASN A 428 -17.59 -11.42 -14.66
N VAL A 429 -17.50 -12.71 -14.36
CA VAL A 429 -17.89 -13.21 -13.05
C VAL A 429 -16.95 -14.28 -12.53
N ALA A 430 -16.78 -14.30 -11.22
CA ALA A 430 -16.01 -15.34 -10.55
C ALA A 430 -16.73 -15.69 -9.26
N VAL A 431 -16.94 -16.97 -9.04
CA VAL A 431 -17.60 -17.45 -7.83
C VAL A 431 -16.65 -18.35 -7.06
N VAL A 432 -16.41 -18.01 -5.80
CA VAL A 432 -15.48 -18.78 -4.97
C VAL A 432 -16.18 -19.39 -3.77
N ALA A 433 -15.97 -20.69 -3.57
CA ALA A 433 -16.55 -21.40 -2.43
C ALA A 433 -15.45 -21.92 -1.50
N VAL A 434 -15.59 -21.62 -0.21
CA VAL A 434 -14.61 -22.05 0.79
C VAL A 434 -15.30 -22.66 2.00
N ASN A 435 -14.90 -23.87 2.35
CA ASN A 435 -15.43 -24.55 3.53
C ASN A 435 -14.28 -24.74 4.53
N ARG A 436 -14.17 -23.81 5.49
CA ARG A 436 -13.06 -23.87 6.45
C ARG A 436 -13.07 -25.12 7.30
N ASN A 437 -14.25 -25.71 7.49
CA ASN A 437 -14.37 -26.91 8.31
C ASN A 437 -13.63 -28.09 7.70
N LEU A 438 -12.52 -28.47 8.32
CA LEU A 438 -11.67 -29.54 7.82
C LEU A 438 -12.25 -30.93 8.07
N ASN A 439 -13.34 -31.00 8.81
CA ASN A 439 -13.92 -32.29 9.17
C ASN A 439 -15.30 -32.55 8.62
N ALA A 440 -16.02 -31.48 8.29
CA ALA A 440 -17.39 -31.63 7.87
C ALA A 440 -17.68 -31.01 6.53
N PRO A 441 -18.31 -31.80 5.66
CA PRO A 441 -18.75 -31.31 4.38
C PRO A 441 -20.02 -30.51 4.58
N ALA A 442 -20.35 -29.67 3.62
CA ALA A 442 -21.55 -28.86 3.68
C ALA A 442 -22.41 -29.09 2.45
N SER A 443 -23.72 -29.07 2.64
CA SER A 443 -24.65 -29.26 1.53
C SER A 443 -25.03 -27.90 0.97
N ILE A 444 -24.59 -27.60 -0.24
CA ILE A 444 -24.91 -26.32 -0.85
C ILE A 444 -26.11 -26.41 -1.77
N SER A 445 -27.23 -25.90 -1.29
CA SER A 445 -28.45 -25.82 -2.09
C SER A 445 -28.96 -24.40 -1.98
N GLY A 446 -29.60 -23.92 -3.03
CA GLY A 446 -30.14 -22.57 -3.04
C GLY A 446 -29.10 -21.51 -3.41
N LEU A 447 -27.93 -21.96 -3.89
CA LEU A 447 -26.91 -21.00 -4.31
C LEU A 447 -27.34 -20.32 -5.61
N VAL A 448 -27.33 -18.99 -5.60
CA VAL A 448 -27.68 -18.23 -6.79
C VAL A 448 -26.50 -17.34 -7.18
N THR A 449 -26.13 -17.36 -8.46
CA THR A 449 -25.00 -16.59 -8.95
C THR A 449 -25.35 -15.80 -10.19
N SER A 450 -24.37 -15.06 -10.70
CA SER A 450 -24.55 -14.31 -11.94
C SER A 450 -23.95 -15.10 -13.09
N LEU A 451 -23.48 -16.30 -12.81
CA LEU A 451 -22.90 -17.14 -13.85
C LEU A 451 -23.98 -17.55 -14.83
N PRO A 452 -23.66 -17.47 -16.11
CA PRO A 452 -24.60 -17.89 -17.15
C PRO A 452 -24.81 -19.38 -17.03
N GLN A 453 -25.93 -19.86 -17.57
CA GLN A 453 -26.23 -21.28 -17.51
C GLN A 453 -25.08 -22.09 -18.08
N GLY A 454 -24.80 -23.24 -17.48
CA GLY A 454 -23.73 -24.11 -17.96
C GLY A 454 -23.01 -24.83 -16.82
N SER A 455 -22.00 -25.61 -17.19
CA SER A 455 -21.20 -26.34 -16.22
C SER A 455 -19.82 -25.72 -16.13
N TYR A 456 -19.38 -25.45 -14.92
CA TYR A 456 -18.11 -24.79 -14.70
C TYR A 456 -17.12 -25.67 -13.97
N ASN A 457 -15.94 -25.83 -14.55
CA ASN A 457 -14.89 -26.60 -13.94
C ASN A 457 -14.20 -25.77 -12.87
N ASP A 458 -13.82 -26.42 -11.79
CA ASP A 458 -13.10 -25.76 -10.73
C ASP A 458 -11.75 -25.32 -11.28
N VAL A 459 -11.45 -24.03 -11.19
CA VAL A 459 -10.20 -23.51 -11.70
C VAL A 459 -9.01 -24.14 -10.98
N LEU A 460 -9.25 -24.64 -9.77
CA LEU A 460 -8.20 -25.28 -8.99
C LEU A 460 -8.00 -26.72 -9.40
N GLY A 461 -8.87 -27.21 -10.28
CA GLY A 461 -8.78 -28.56 -10.79
C GLY A 461 -8.95 -29.62 -9.69
N GLY A 462 -9.65 -29.27 -8.62
CA GLY A 462 -9.90 -30.19 -7.52
C GLY A 462 -8.72 -30.25 -6.54
N LEU A 463 -7.70 -29.44 -6.80
CA LEU A 463 -6.50 -29.39 -5.96
C LEU A 463 -6.87 -29.25 -4.48
N LEU A 464 -7.89 -28.45 -4.20
CA LEU A 464 -8.34 -28.26 -2.83
C LEU A 464 -9.70 -28.90 -2.61
N ASN A 465 -9.91 -30.04 -3.28
CA ASN A 465 -11.15 -30.80 -3.16
C ASN A 465 -12.36 -30.03 -3.65
N GLY A 466 -12.14 -29.16 -4.62
CA GLY A 466 -13.22 -28.41 -5.23
C GLY A 466 -14.02 -29.36 -6.11
N ASN A 467 -15.09 -28.85 -6.70
CA ASN A 467 -15.95 -29.66 -7.55
C ASN A 467 -16.44 -28.84 -8.73
N THR A 468 -17.06 -29.52 -9.68
CA THR A 468 -17.66 -28.87 -10.82
C THR A 468 -19.00 -28.24 -10.41
N LEU A 469 -19.34 -27.12 -11.02
CA LEU A 469 -20.59 -26.44 -10.71
C LEU A 469 -21.56 -26.50 -11.87
N SER A 470 -22.82 -26.79 -11.59
CA SER A 470 -23.85 -26.84 -12.61
C SER A 470 -24.83 -25.71 -12.37
N VAL A 471 -24.86 -24.76 -13.29
CA VAL A 471 -25.72 -23.59 -13.19
C VAL A 471 -26.86 -23.65 -14.18
N GLY A 472 -28.08 -23.55 -13.67
CA GLY A 472 -29.25 -23.54 -14.53
C GLY A 472 -29.54 -22.12 -14.97
N SER A 473 -30.75 -21.89 -15.44
CA SER A 473 -31.17 -20.55 -15.83
C SER A 473 -31.39 -19.74 -14.57
N GLY A 474 -31.19 -18.43 -14.66
CA GLY A 474 -31.36 -17.56 -13.51
C GLY A 474 -30.12 -17.59 -12.62
N GLY A 475 -29.12 -18.35 -13.04
CA GLY A 475 -27.85 -18.44 -12.30
C GLY A 475 -27.96 -19.34 -11.06
N ALA A 476 -28.99 -20.17 -11.02
CA ALA A 476 -29.18 -21.07 -9.89
C ALA A 476 -28.33 -22.34 -10.04
N ALA A 477 -27.51 -22.61 -9.02
CA ALA A 477 -26.65 -23.78 -9.05
C ALA A 477 -27.36 -25.02 -8.51
N SER A 478 -27.12 -26.15 -9.16
CA SER A 478 -27.68 -27.40 -8.71
C SER A 478 -27.05 -27.74 -7.37
N ASN A 479 -27.81 -28.43 -6.53
CA ASN A 479 -27.32 -28.82 -5.22
C ASN A 479 -26.01 -29.58 -5.39
N PHE A 480 -25.07 -29.32 -4.49
CA PHE A 480 -23.81 -30.03 -4.52
C PHE A 480 -23.22 -30.07 -3.13
N THR A 481 -22.25 -30.95 -2.94
CA THR A 481 -21.59 -31.07 -1.67
C THR A 481 -20.27 -30.34 -1.70
N LEU A 482 -20.06 -29.44 -0.75
CA LEU A 482 -18.78 -28.77 -0.61
C LEU A 482 -17.96 -29.57 0.38
N ALA A 483 -16.97 -30.29 -0.13
CA ALA A 483 -16.15 -31.17 0.69
C ALA A 483 -15.54 -30.47 1.90
N ALA A 484 -15.21 -31.26 2.93
CA ALA A 484 -14.54 -30.72 4.10
C ALA A 484 -13.25 -30.07 3.63
N GLY A 485 -12.99 -28.86 4.11
CA GLY A 485 -11.79 -28.11 3.73
C GLY A 485 -11.80 -27.79 2.23
N GLY A 486 -12.95 -27.99 1.60
CA GLY A 486 -13.09 -27.77 0.16
C GLY A 486 -12.99 -26.30 -0.23
N THR A 487 -12.34 -26.06 -1.36
CA THR A 487 -12.20 -24.72 -1.90
C THR A 487 -12.27 -24.81 -3.41
N ALA A 488 -13.18 -24.05 -4.01
CA ALA A 488 -13.40 -24.12 -5.44
C ALA A 488 -13.59 -22.75 -6.07
N VAL A 489 -13.22 -22.65 -7.34
CA VAL A 489 -13.34 -21.39 -8.07
C VAL A 489 -13.94 -21.63 -9.45
N TRP A 490 -15.04 -20.96 -9.73
CA TRP A 490 -15.69 -21.05 -11.02
C TRP A 490 -15.74 -19.66 -11.60
N GLN A 491 -15.46 -19.54 -12.88
CA GLN A 491 -15.38 -18.24 -13.48
C GLN A 491 -15.87 -18.17 -14.90
N TYR A 492 -16.16 -16.96 -15.34
CA TYR A 492 -16.69 -16.73 -16.66
C TYR A 492 -16.27 -15.35 -17.13
N THR A 493 -15.78 -15.28 -18.36
CA THR A 493 -15.38 -14.01 -18.94
C THR A 493 -16.07 -13.82 -20.27
N ALA A 494 -16.30 -12.57 -20.62
CA ALA A 494 -16.94 -12.24 -21.89
C ALA A 494 -16.76 -10.77 -22.16
N ALA A 495 -16.89 -10.37 -23.40
CA ALA A 495 -16.76 -8.98 -23.77
C ALA A 495 -17.83 -8.15 -23.09
N THR A 496 -17.44 -6.97 -22.61
CA THR A 496 -18.38 -6.04 -22.00
C THR A 496 -18.73 -4.97 -23.02
N ALA A 497 -20.01 -4.83 -23.32
CA ALA A 497 -20.47 -3.89 -24.33
C ALA A 497 -20.35 -2.44 -23.88
N THR A 498 -20.67 -2.17 -22.62
CA THR A 498 -20.60 -0.81 -22.09
C THR A 498 -19.25 -0.51 -21.47
N PRO A 499 -18.75 0.70 -21.70
CA PRO A 499 -17.51 1.13 -21.09
C PRO A 499 -17.67 1.00 -19.59
N THR A 500 -16.71 0.34 -18.97
CA THR A 500 -16.78 0.10 -17.53
C THR A 500 -15.43 0.37 -16.90
N ILE A 501 -15.39 1.34 -16.00
CA ILE A 501 -14.17 1.70 -15.31
C ILE A 501 -13.92 0.78 -14.14
N GLY A 502 -12.75 0.15 -14.12
CA GLY A 502 -12.40 -0.77 -13.06
C GLY A 502 -11.36 -0.16 -12.12
N HIS A 503 -10.55 0.76 -12.64
CA HIS A 503 -9.50 1.36 -11.85
C HIS A 503 -9.01 2.68 -12.42
N VAL A 504 -8.53 3.55 -11.55
CA VAL A 504 -7.95 4.83 -11.94
C VAL A 504 -6.75 5.13 -11.04
N GLY A 505 -5.68 5.64 -11.63
CA GLY A 505 -4.48 5.98 -10.86
C GLY A 505 -3.51 6.80 -11.69
N PRO A 506 -2.79 7.69 -11.02
CA PRO A 506 -2.93 7.91 -9.58
C PRO A 506 -4.26 8.60 -9.28
N MET A 507 -4.58 8.76 -8.00
CA MET A 507 -5.84 9.36 -7.58
C MET A 507 -5.69 10.80 -7.11
N MET A 508 -4.47 11.32 -7.19
CA MET A 508 -4.18 12.66 -6.74
C MET A 508 -3.02 13.26 -7.53
N ALA A 509 -3.31 14.30 -8.30
CA ALA A 509 -2.28 14.96 -9.10
C ALA A 509 -2.74 16.33 -9.58
N LYS A 510 -1.78 17.13 -10.05
CA LYS A 510 -2.07 18.47 -10.58
C LYS A 510 -2.41 18.35 -12.07
N PRO A 511 -3.02 19.40 -12.64
CA PRO A 511 -3.38 19.37 -14.05
C PRO A 511 -2.16 19.12 -14.94
N GLY A 512 -2.37 18.44 -16.06
CA GLY A 512 -1.28 18.15 -16.99
C GLY A 512 -0.71 16.75 -16.76
N VAL A 513 -0.81 16.26 -15.53
CA VAL A 513 -0.31 14.93 -15.21
C VAL A 513 -1.17 13.87 -15.90
N THR A 514 -0.53 12.82 -16.39
CA THR A 514 -1.25 11.76 -17.09
C THR A 514 -1.74 10.68 -16.13
N ILE A 515 -3.03 10.41 -16.17
CA ILE A 515 -3.60 9.38 -15.34
C ILE A 515 -4.02 8.19 -16.18
N THR A 516 -4.14 7.04 -15.53
CA THR A 516 -4.46 5.81 -16.21
C THR A 516 -5.82 5.28 -15.80
N ILE A 517 -6.69 5.11 -16.78
CA ILE A 517 -8.02 4.61 -16.53
C ILE A 517 -8.16 3.21 -17.11
N ASP A 518 -8.29 2.22 -16.24
CA ASP A 518 -8.38 0.82 -16.65
C ASP A 518 -9.77 0.25 -16.46
N GLY A 519 -10.15 -0.68 -17.33
CA GLY A 519 -11.45 -1.32 -17.25
C GLY A 519 -11.72 -2.17 -18.47
N ARG A 520 -12.96 -2.14 -18.96
CA ARG A 520 -13.35 -2.91 -20.13
C ARG A 520 -14.44 -2.17 -20.91
N GLY A 521 -14.59 -2.51 -22.18
CA GLY A 521 -15.64 -1.94 -23.02
C GLY A 521 -15.40 -0.48 -23.40
N PHE A 522 -14.15 -0.04 -23.35
CA PHE A 522 -13.82 1.33 -23.72
C PHE A 522 -13.91 1.51 -25.22
N GLY A 523 -13.69 0.43 -25.94
CA GLY A 523 -13.70 0.48 -27.38
C GLY A 523 -12.31 0.84 -27.88
N SER A 524 -12.10 0.73 -29.17
CA SER A 524 -10.80 1.00 -29.76
C SER A 524 -10.56 2.46 -30.08
N SER A 525 -11.59 3.17 -30.49
CA SER A 525 -11.43 4.57 -30.86
C SER A 525 -11.63 5.53 -29.70
N LYS A 526 -10.84 6.60 -29.71
CA LYS A 526 -10.89 7.60 -28.66
C LYS A 526 -12.30 8.04 -28.38
N GLY A 527 -12.63 8.17 -27.11
CA GLY A 527 -13.94 8.64 -26.71
C GLY A 527 -13.78 9.97 -26.02
N THR A 528 -14.43 10.11 -24.86
CA THR A 528 -14.34 11.30 -24.06
C THR A 528 -14.15 10.92 -22.61
N VAL A 529 -13.37 11.73 -21.89
CA VAL A 529 -13.17 11.51 -20.47
C VAL A 529 -13.72 12.71 -19.71
N TYR A 530 -14.41 12.44 -18.60
CA TYR A 530 -15.01 13.50 -17.80
C TYR A 530 -14.39 13.63 -16.42
N PHE A 531 -14.01 14.85 -16.07
CA PHE A 531 -13.55 15.17 -14.73
C PHE A 531 -14.63 16.06 -14.15
N GLY A 532 -15.62 15.44 -13.51
CA GLY A 532 -16.81 16.17 -13.10
C GLY A 532 -17.61 16.42 -14.37
N THR A 533 -17.99 17.67 -14.61
CA THR A 533 -18.72 18.01 -15.83
C THR A 533 -17.77 18.32 -17.00
N THR A 534 -16.52 18.63 -16.68
CA THR A 534 -15.53 18.97 -17.72
C THR A 534 -15.25 17.79 -18.62
N ALA A 535 -15.42 18.00 -19.93
CA ALA A 535 -15.15 16.97 -20.91
C ALA A 535 -13.77 17.12 -21.53
N VAL A 536 -13.08 16.00 -21.66
CA VAL A 536 -11.75 15.95 -22.26
C VAL A 536 -11.76 14.95 -23.40
N SER A 537 -11.28 15.37 -24.56
CA SER A 537 -11.21 14.50 -25.73
C SER A 537 -10.06 14.95 -26.62
N GLY A 538 -9.81 14.22 -27.69
CA GLY A 538 -8.76 14.58 -28.63
C GLY A 538 -7.35 14.40 -28.08
N ALA A 539 -6.47 15.34 -28.40
CA ALA A 539 -5.05 15.24 -28.04
C ALA A 539 -4.73 14.89 -26.59
N ASP A 540 -5.40 15.55 -25.64
CA ASP A 540 -5.11 15.31 -24.23
C ASP A 540 -5.36 13.89 -23.76
N ILE A 541 -6.05 13.12 -24.60
CA ILE A 541 -6.20 11.69 -24.37
C ILE A 541 -5.04 11.06 -25.13
N THR A 542 -3.94 10.81 -24.41
CA THR A 542 -2.71 10.32 -25.03
C THR A 542 -2.90 9.03 -25.79
N SER A 543 -3.67 8.12 -25.21
CA SER A 543 -3.93 6.84 -25.84
C SER A 543 -5.22 6.25 -25.34
N TRP A 544 -5.86 5.46 -26.18
CA TRP A 544 -7.13 4.88 -25.85
C TRP A 544 -7.30 3.52 -26.50
N GLU A 545 -7.55 2.51 -25.66
CA GLU A 545 -7.89 1.18 -26.13
C GLU A 545 -8.92 0.55 -25.20
N ASP A 546 -9.46 -0.59 -25.59
CA ASP A 546 -10.55 -1.19 -24.84
C ASP A 546 -10.39 -1.30 -23.33
N THR A 547 -9.19 -1.59 -22.85
CA THR A 547 -8.98 -1.82 -21.41
C THR A 547 -8.24 -0.72 -20.69
N GLN A 548 -7.64 0.20 -21.43
CA GLN A 548 -6.85 1.25 -20.81
C GLN A 548 -6.91 2.58 -21.53
N ILE A 549 -6.97 3.66 -20.75
CA ILE A 549 -6.96 5.00 -21.29
C ILE A 549 -5.91 5.83 -20.58
N LYS A 550 -5.14 6.58 -21.35
CA LYS A 550 -4.17 7.50 -20.79
C LYS A 550 -4.56 8.91 -21.17
N VAL A 551 -4.84 9.73 -20.17
CA VAL A 551 -5.31 11.08 -20.41
C VAL A 551 -4.71 12.08 -19.43
N LYS A 552 -4.48 13.29 -19.90
CA LYS A 552 -3.96 14.34 -19.05
C LYS A 552 -5.08 15.01 -18.28
N ILE A 553 -4.83 15.29 -17.01
CA ILE A 553 -5.80 15.97 -16.17
C ILE A 553 -5.95 17.40 -16.68
N PRO A 554 -7.19 17.79 -16.97
CA PRO A 554 -7.46 19.14 -17.46
C PRO A 554 -7.18 20.19 -16.39
N ALA A 555 -6.99 21.43 -16.81
CA ALA A 555 -6.72 22.52 -15.90
C ALA A 555 -8.00 23.05 -15.25
N VAL A 556 -8.54 22.26 -14.32
CA VAL A 556 -9.74 22.65 -13.58
C VAL A 556 -9.30 23.05 -12.17
N ALA A 557 -10.15 23.77 -11.46
CA ALA A 557 -9.83 24.20 -10.11
C ALA A 557 -9.50 22.99 -9.24
N GLY A 558 -8.59 23.17 -8.28
CA GLY A 558 -8.26 22.08 -7.37
C GLY A 558 -9.54 21.61 -6.69
N GLY A 559 -9.65 20.31 -6.47
CA GLY A 559 -10.84 19.76 -5.82
C GLY A 559 -11.01 18.27 -6.06
N ASN A 560 -12.15 17.76 -5.62
CA ASN A 560 -12.46 16.34 -5.74
C ASN A 560 -13.47 16.11 -6.85
N TYR A 561 -13.12 15.26 -7.80
CA TYR A 561 -13.94 15.01 -8.96
C TYR A 561 -14.31 13.56 -9.16
N ASN A 562 -15.44 13.36 -9.84
CA ASN A 562 -15.85 12.03 -10.27
C ASN A 562 -15.31 11.84 -11.67
N ILE A 563 -14.64 10.72 -11.90
CA ILE A 563 -14.13 10.41 -13.21
C ILE A 563 -15.11 9.53 -13.94
N LYS A 564 -15.29 9.78 -15.22
CA LYS A 564 -16.18 8.97 -16.05
C LYS A 564 -15.66 9.04 -17.47
N VAL A 565 -16.07 8.10 -18.30
CA VAL A 565 -15.68 8.10 -19.69
C VAL A 565 -16.85 7.70 -20.57
N ALA A 566 -16.75 8.02 -21.85
CA ALA A 566 -17.77 7.65 -22.82
C ALA A 566 -17.07 7.13 -24.05
N ASN A 567 -17.58 6.05 -24.62
CA ASN A 567 -16.96 5.51 -25.82
C ASN A 567 -17.20 6.45 -26.98
N ALA A 568 -16.63 6.12 -28.15
CA ALA A 568 -16.75 6.98 -29.31
C ALA A 568 -18.20 7.24 -29.71
N ALA A 569 -19.09 6.32 -29.34
CA ALA A 569 -20.51 6.43 -29.69
C ALA A 569 -21.30 7.29 -28.72
N GLY A 570 -20.69 7.66 -27.61
CA GLY A 570 -21.32 8.54 -26.63
C GLY A 570 -21.87 7.81 -25.39
N THR A 571 -21.70 6.49 -25.34
CA THR A 571 -22.19 5.72 -24.21
C THR A 571 -21.32 5.92 -22.98
N ALA A 572 -21.92 6.43 -21.91
CA ALA A 572 -21.20 6.73 -20.69
C ALA A 572 -20.95 5.50 -19.84
N SER A 573 -19.92 5.57 -19.02
CA SER A 573 -19.54 4.48 -18.15
C SER A 573 -20.01 4.78 -16.75
N ASN A 574 -19.71 3.87 -15.84
CA ASN A 574 -19.99 4.10 -14.44
C ASN A 574 -19.05 5.21 -13.98
N VAL A 575 -19.23 5.67 -12.75
CA VAL A 575 -18.42 6.75 -12.22
C VAL A 575 -17.39 6.24 -11.22
N TYR A 576 -16.15 6.68 -11.38
CA TYR A 576 -15.09 6.37 -10.42
C TYR A 576 -14.83 7.65 -9.65
N ASP A 577 -15.29 7.70 -8.41
CA ASP A 577 -15.24 8.92 -7.63
C ASP A 577 -13.94 9.13 -6.86
N ASN A 578 -13.89 10.23 -6.13
CA ASN A 578 -12.77 10.55 -5.24
C ASN A 578 -11.45 10.99 -5.87
N PHE A 579 -11.48 11.43 -7.11
CA PHE A 579 -10.25 11.90 -7.73
C PHE A 579 -9.89 13.29 -7.28
N GLU A 580 -8.69 13.46 -6.74
CA GLU A 580 -8.27 14.79 -6.30
C GLU A 580 -7.34 15.50 -7.26
N VAL A 581 -7.82 16.61 -7.81
CA VAL A 581 -7.00 17.46 -8.63
C VAL A 581 -6.35 18.47 -7.71
N LEU A 582 -5.03 18.49 -7.67
CA LEU A 582 -4.32 19.42 -6.81
C LEU A 582 -4.35 20.81 -7.43
N SER A 583 -4.07 21.83 -6.62
CA SER A 583 -4.05 23.21 -7.11
C SER A 583 -2.71 23.54 -7.75
N GLY A 584 -1.80 22.57 -7.74
CA GLY A 584 -0.47 22.75 -8.31
C GLY A 584 0.54 21.94 -7.50
N ASP A 585 1.83 22.16 -7.75
CA ASP A 585 2.87 21.46 -7.00
C ASP A 585 2.66 21.74 -5.51
N GLN A 586 3.06 20.79 -4.67
CA GLN A 586 2.82 20.90 -3.24
C GLN A 586 4.05 21.15 -2.40
N VAL A 587 3.85 21.83 -1.29
CA VAL A 587 4.88 21.99 -0.29
C VAL A 587 4.25 21.69 1.06
N SER A 588 5.04 21.19 1.99
CA SER A 588 4.55 20.87 3.31
C SER A 588 4.76 22.05 4.23
N VAL A 589 3.67 22.62 4.73
CA VAL A 589 3.75 23.79 5.60
C VAL A 589 3.17 23.50 6.98
N ARG A 590 3.89 23.92 8.02
CA ARG A 590 3.43 23.75 9.39
C ARG A 590 2.63 24.96 9.83
N PHE A 591 1.40 24.72 10.25
CA PHE A 591 0.53 25.78 10.73
C PHE A 591 0.46 25.72 12.24
N VAL A 592 0.75 26.83 12.90
CA VAL A 592 0.72 26.91 14.34
C VAL A 592 -0.23 28.03 14.78
N VAL A 593 -1.17 27.69 15.65
CA VAL A 593 -2.12 28.67 16.16
C VAL A 593 -1.99 28.79 17.67
N ASN A 594 -1.72 30.00 18.13
CA ASN A 594 -1.48 30.25 19.55
C ASN A 594 -2.74 30.59 20.33
N ASN A 595 -2.73 30.22 21.61
CA ASN A 595 -3.83 30.54 22.52
C ASN A 595 -5.19 30.20 21.95
N ALA A 596 -5.38 28.95 21.56
CA ALA A 596 -6.66 28.48 21.08
C ALA A 596 -7.23 27.51 22.10
N THR A 597 -7.80 28.06 23.17
CA THR A 597 -8.34 27.24 24.25
C THR A 597 -9.62 26.54 23.81
N THR A 598 -9.83 25.35 24.34
CA THR A 598 -10.97 24.55 23.96
C THR A 598 -11.53 23.77 25.13
N ALA A 599 -12.68 23.16 24.92
CA ALA A 599 -13.28 22.30 25.92
C ALA A 599 -12.98 20.86 25.53
N LEU A 600 -12.88 19.99 26.53
CA LEU A 600 -12.58 18.60 26.28
C LEU A 600 -13.53 18.00 25.25
N GLY A 601 -12.97 17.42 24.20
CA GLY A 601 -13.76 16.83 23.13
C GLY A 601 -13.79 17.73 21.89
N GLN A 602 -13.51 19.01 22.10
CA GLN A 602 -13.52 19.97 21.01
C GLN A 602 -12.09 20.26 20.54
N ASN A 603 -11.89 20.23 19.22
CA ASN A 603 -10.56 20.38 18.65
C ASN A 603 -10.44 21.49 17.63
N VAL A 604 -9.22 21.97 17.44
CA VAL A 604 -8.96 23.02 16.46
C VAL A 604 -8.64 22.43 15.10
N TYR A 605 -9.19 23.04 14.06
CA TYR A 605 -8.99 22.59 12.70
C TYR A 605 -8.55 23.78 11.85
N LEU A 606 -8.06 23.49 10.65
CA LEU A 606 -7.62 24.53 9.74
C LEU A 606 -8.46 24.52 8.46
N THR A 607 -8.91 25.69 8.04
CA THR A 607 -9.67 25.85 6.81
C THR A 607 -9.08 27.02 6.05
N GLY A 608 -9.22 27.01 4.72
CA GLY A 608 -8.61 28.05 3.89
C GLY A 608 -9.19 28.19 2.49
N SER A 609 -8.59 29.11 1.73
CA SER A 609 -9.06 29.47 0.40
C SER A 609 -8.67 28.54 -0.76
N VAL A 610 -8.14 27.37 -0.45
CA VAL A 610 -7.79 26.41 -1.51
C VAL A 610 -8.34 25.04 -1.20
N SER A 611 -8.50 24.21 -2.22
CA SER A 611 -9.04 22.87 -2.04
C SER A 611 -8.21 22.07 -1.03
N GLU A 612 -6.91 22.33 -1.02
CA GLU A 612 -6.00 21.64 -0.10
C GLU A 612 -6.37 21.98 1.33
N LEU A 613 -7.07 23.09 1.51
CA LEU A 613 -7.51 23.51 2.82
C LEU A 613 -9.02 23.33 3.00
N GLY A 614 -9.64 22.67 2.02
CA GLY A 614 -11.08 22.38 2.09
C GLY A 614 -11.98 23.49 1.54
N ASN A 615 -11.37 24.54 1.00
CA ASN A 615 -12.14 25.65 0.43
C ASN A 615 -13.22 26.19 1.39
N TRP A 616 -12.81 26.45 2.63
CA TRP A 616 -13.69 27.08 3.64
C TRP A 616 -14.84 26.20 4.16
N ASP A 617 -14.92 24.97 3.67
CA ASP A 617 -15.95 24.04 4.14
C ASP A 617 -15.45 23.31 5.39
N PRO A 618 -16.08 23.60 6.52
CA PRO A 618 -15.66 23.01 7.80
C PRO A 618 -15.69 21.48 7.76
N ALA A 619 -16.52 20.92 6.91
CA ALA A 619 -16.61 19.47 6.76
C ALA A 619 -15.35 18.90 6.12
N LYS A 620 -14.61 19.76 5.43
CA LYS A 620 -13.38 19.36 4.76
C LYS A 620 -12.15 19.99 5.41
N ALA A 621 -12.34 20.51 6.63
CA ALA A 621 -11.26 21.17 7.34
C ALA A 621 -10.14 20.20 7.71
N ILE A 622 -8.93 20.74 7.82
CA ILE A 622 -7.75 19.95 8.16
C ILE A 622 -7.58 19.81 9.66
N GLY A 623 -7.38 18.59 10.13
CA GLY A 623 -7.22 18.32 11.55
C GLY A 623 -7.88 16.98 11.91
N PRO A 624 -8.14 16.79 13.21
CA PRO A 624 -7.85 17.78 14.24
C PRO A 624 -6.36 18.02 14.41
N MET A 625 -6.02 19.24 14.81
CA MET A 625 -4.63 19.63 14.99
C MET A 625 -4.03 19.05 16.25
N TYR A 626 -2.70 19.06 16.33
CA TYR A 626 -1.98 18.48 17.46
C TYR A 626 -1.64 19.55 18.51
N ASN A 627 -1.44 19.13 19.75
CA ASN A 627 -1.17 20.07 20.84
C ASN A 627 -0.41 19.45 22.01
N GLN A 628 0.28 18.34 21.78
CA GLN A 628 1.02 17.67 22.84
C GLN A 628 2.56 17.74 22.70
N VAL A 629 3.07 17.27 21.56
CA VAL A 629 4.52 17.14 21.36
C VAL A 629 5.31 18.40 20.94
N VAL A 630 5.28 18.73 19.65
CA VAL A 630 6.04 19.89 19.16
C VAL A 630 5.61 21.17 19.84
N TYR A 631 4.30 21.37 19.96
CA TYR A 631 3.75 22.51 20.66
C TYR A 631 2.74 21.99 21.69
N GLN A 632 2.56 22.73 22.78
CA GLN A 632 1.65 22.30 23.83
C GLN A 632 0.42 23.18 23.92
N TYR A 633 -0.73 22.56 24.20
CA TYR A 633 -1.99 23.28 24.39
C TYR A 633 -1.74 24.41 25.40
N PRO A 634 -2.33 25.57 25.18
CA PRO A 634 -3.37 25.79 24.18
C PRO A 634 -2.85 26.18 22.78
N ASN A 635 -1.60 25.84 22.51
CA ASN A 635 -1.04 26.07 21.18
C ASN A 635 -1.24 24.79 20.36
N TRP A 636 -1.70 24.92 19.13
CA TRP A 636 -1.93 23.76 18.28
C TRP A 636 -1.08 23.84 17.04
N TYR A 637 -0.85 22.70 16.41
CA TYR A 637 -0.03 22.67 15.21
C TYR A 637 -0.39 21.49 14.33
N TYR A 638 -0.05 21.61 13.05
CA TYR A 638 -0.31 20.56 12.09
C TYR A 638 0.47 20.82 10.82
N ASP A 639 0.92 19.74 10.18
CA ASP A 639 1.66 19.84 8.94
C ASP A 639 0.73 19.59 7.78
N VAL A 640 0.69 20.53 6.84
CA VAL A 640 -0.27 20.49 5.76
C VAL A 640 0.34 20.63 4.38
N SER A 641 -0.16 19.84 3.45
CA SER A 641 0.28 19.90 2.06
C SER A 641 -0.52 20.97 1.33
N VAL A 642 0.16 22.01 0.86
CA VAL A 642 -0.50 23.09 0.17
C VAL A 642 0.19 23.44 -1.13
N PRO A 643 -0.53 24.12 -2.02
CA PRO A 643 0.00 24.51 -3.33
C PRO A 643 1.17 25.47 -3.20
N ALA A 644 2.32 25.08 -3.73
CA ALA A 644 3.52 25.89 -3.66
C ALA A 644 3.34 27.26 -4.31
N GLY A 645 3.89 28.28 -3.67
CA GLY A 645 3.90 29.64 -4.21
C GLY A 645 2.57 30.38 -4.21
N LYS A 646 1.52 29.73 -3.71
CA LYS A 646 0.21 30.37 -3.70
C LYS A 646 -0.03 31.23 -2.47
N THR A 647 -0.69 32.35 -2.66
CA THR A 647 -1.08 33.21 -1.57
C THR A 647 -2.41 32.68 -1.06
N ILE A 648 -2.43 32.27 0.20
CA ILE A 648 -3.58 31.58 0.73
C ILE A 648 -4.18 32.28 1.93
N GLU A 649 -5.51 32.38 1.94
CA GLU A 649 -6.22 32.94 3.07
C GLU A 649 -6.75 31.79 3.92
N PHE A 650 -6.65 31.93 5.24
CA PHE A 650 -7.04 30.86 6.13
C PHE A 650 -7.52 31.32 7.50
N LYS A 651 -8.18 30.40 8.20
CA LYS A 651 -8.68 30.63 9.54
C LYS A 651 -8.72 29.31 10.26
N PHE A 652 -8.73 29.36 11.58
CA PHE A 652 -8.82 28.16 12.38
C PHE A 652 -10.22 28.03 12.93
N LEU A 653 -10.65 26.79 13.14
CA LEU A 653 -11.98 26.52 13.69
C LEU A 653 -11.86 25.65 14.90
N LYS A 654 -12.88 25.71 15.74
CA LYS A 654 -13.01 24.80 16.86
C LYS A 654 -14.21 23.95 16.53
N LYS A 655 -14.04 22.64 16.57
CA LYS A 655 -15.13 21.75 16.24
C LYS A 655 -15.42 20.74 17.32
N GLN A 656 -16.69 20.51 17.56
CA GLN A 656 -17.16 19.50 18.48
C GLN A 656 -18.14 18.70 17.66
N GLY A 657 -17.70 17.54 17.19
CA GLY A 657 -18.49 16.78 16.27
C GLY A 657 -18.59 17.61 14.99
N SER A 658 -19.82 17.87 14.56
CA SER A 658 -20.06 18.65 13.35
C SER A 658 -20.27 20.15 13.68
N THR A 659 -20.35 20.45 14.97
CA THR A 659 -20.57 21.82 15.43
C THR A 659 -19.28 22.64 15.37
N VAL A 660 -19.33 23.80 14.71
CA VAL A 660 -18.13 24.59 14.50
C VAL A 660 -18.15 26.03 14.98
N THR A 661 -17.04 26.46 15.56
CA THR A 661 -16.85 27.82 16.02
C THR A 661 -15.69 28.44 15.24
N TRP A 662 -15.99 29.52 14.51
CA TRP A 662 -14.99 30.18 13.67
C TRP A 662 -14.16 31.18 14.44
N GLU A 663 -12.91 31.34 14.02
CA GLU A 663 -12.07 32.39 14.49
C GLU A 663 -12.79 33.69 14.13
N GLY A 664 -12.63 34.72 14.94
CA GLY A 664 -13.22 36.01 14.62
C GLY A 664 -12.23 36.80 13.75
N GLY A 665 -12.62 38.01 13.36
CA GLY A 665 -11.75 38.90 12.60
C GLY A 665 -11.56 38.54 11.12
N SER A 666 -10.50 39.06 10.54
CA SER A 666 -10.18 38.85 9.14
C SER A 666 -9.39 37.56 8.97
N ASN A 667 -9.45 37.00 7.78
CA ASN A 667 -8.70 35.83 7.47
C ASN A 667 -7.25 36.10 7.69
N HIS A 668 -6.50 35.05 7.98
CA HIS A 668 -5.07 35.16 8.03
C HIS A 668 -4.61 35.01 6.60
N THR A 669 -3.39 35.44 6.32
CA THR A 669 -2.85 35.32 4.97
C THR A 669 -1.39 34.96 4.98
N PHE A 670 -0.98 34.21 3.97
CA PHE A 670 0.41 33.85 3.81
C PHE A 670 0.61 33.34 2.42
N THR A 671 1.86 33.33 1.97
CA THR A 671 2.18 32.82 0.65
C THR A 671 3.08 31.63 0.78
N ALA A 672 2.62 30.48 0.31
CA ALA A 672 3.37 29.25 0.42
C ALA A 672 4.70 29.34 -0.31
N PRO A 673 5.74 28.75 0.28
CA PRO A 673 7.06 28.73 -0.33
C PRO A 673 7.00 28.02 -1.68
N SER A 674 7.98 28.27 -2.54
CA SER A 674 8.03 27.66 -3.87
C SER A 674 8.63 26.27 -3.81
N SER A 675 9.32 25.99 -2.72
CA SER A 675 9.90 24.68 -2.48
C SER A 675 10.37 24.66 -1.04
N GLY A 676 10.65 23.47 -0.52
CA GLY A 676 11.05 23.35 0.87
C GLY A 676 9.83 23.51 1.77
N THR A 677 10.08 23.75 3.06
CA THR A 677 9.02 23.87 4.03
C THR A 677 8.87 25.29 4.54
N ALA A 678 7.89 25.48 5.42
CA ALA A 678 7.66 26.77 6.04
C ALA A 678 6.80 26.58 7.26
N THR A 679 6.91 27.48 8.22
CA THR A 679 6.11 27.43 9.43
C THR A 679 5.35 28.73 9.60
N ILE A 680 4.02 28.64 9.54
CA ILE A 680 3.16 29.82 9.69
C ILE A 680 2.60 29.88 11.10
N ASN A 681 3.09 30.83 11.88
CA ASN A 681 2.66 30.97 13.26
C ASN A 681 1.73 32.16 13.45
N VAL A 682 0.52 31.89 13.93
CA VAL A 682 -0.46 32.96 14.18
C VAL A 682 -1.21 32.74 15.49
N ASN A 683 -1.88 33.79 15.96
CA ASN A 683 -2.65 33.73 17.20
C ASN A 683 -4.10 33.50 16.88
N TRP A 684 -4.81 32.81 17.76
CA TRP A 684 -6.23 32.59 17.56
C TRP A 684 -6.97 33.92 17.71
N GLN A 685 -7.77 34.25 16.72
CA GLN A 685 -8.55 35.48 16.75
C GLN A 685 -9.94 35.19 17.28
N PRO A 686 -10.31 35.85 18.37
CA PRO A 686 -11.62 35.65 18.97
C PRO A 686 -12.71 36.30 18.14
C2 BGC B . 8.49 -2.58 9.06
C3 BGC B . 9.28 -3.09 10.22
C4 BGC B . 10.41 -2.11 10.44
C5 BGC B . 9.78 -0.78 10.80
C6 BGC B . 10.77 0.28 11.21
C1 BGC B . 7.99 -1.18 9.25
O1 BGC B . 7.50 -0.73 8.01
O2 BGC B . 7.35 -3.32 8.71
O3 BGC B . 9.83 -4.38 9.89
O4 BGC B . 11.17 -2.68 11.51
O5 BGC B . 9.04 -0.31 9.67
O6 BGC B . 11.60 0.65 10.10
C1 GLC B . 12.56 -2.66 11.38
C2 GLC B . 13.08 -4.07 11.45
C3 GLC B . 12.90 -4.63 12.85
C4 GLC B . 13.42 -3.74 13.96
C5 GLC B . 12.90 -2.31 13.74
C6 GLC B . 13.55 -1.33 14.67
O2 GLC B . 12.44 -4.91 10.50
O3 GLC B . 13.63 -5.86 12.94
O4 GLC B . 12.91 -4.28 15.17
O5 GLC B . 13.14 -1.84 12.39
O6 GLC B . 14.97 -1.34 14.51
C1 GLC B . 13.58 -5.23 15.97
C2 GLC B . 12.66 -5.79 17.05
C3 GLC B . 12.45 -4.74 18.12
C4 GLC B . 13.79 -4.32 18.67
C5 GLC B . 14.56 -3.73 17.54
C6 GLC B . 15.88 -3.17 17.96
O2 GLC B . 11.41 -6.14 16.47
O3 GLC B . 11.60 -5.29 19.13
O4 GLC B . 13.66 -3.20 19.57
O5 GLC B . 14.78 -4.70 16.53
O6 GLC B . 16.72 -4.09 18.65
C1 GLC B . 14.23 -3.40 20.83
C2 GLC B . 13.10 -3.24 21.82
C3 GLC B . 12.74 -1.78 21.98
C4 GLC B . 13.97 -1.00 22.35
C5 GLC B . 15.02 -1.14 21.27
C6 GLC B . 16.29 -0.46 21.66
O2 GLC B . 11.94 -3.96 21.45
O3 GLC B . 11.76 -1.58 23.00
O4 GLC B . 13.59 0.37 22.44
O5 GLC B . 15.33 -2.54 21.08
O6 GLC B . 16.91 -1.14 22.75
C1 GLC B . 13.34 0.89 23.73
C2 GLC B . 12.18 1.86 23.63
C3 GLC B . 12.58 3.15 22.97
C4 GLC B . 13.87 3.69 23.54
C5 GLC B . 14.97 2.64 23.48
C6 GLC B . 16.20 3.14 24.17
O2 GLC B . 11.14 1.23 22.89
O3 GLC B . 11.57 4.15 23.19
O4 GLC B . 14.26 4.83 22.75
O5 GLC B . 14.53 1.51 24.23
O6 GLC B . 15.91 3.53 25.51
C1 GLC B . 13.73 6.08 23.10
C2 GLC B . 14.30 7.16 22.19
C3 GLC B . 15.68 7.59 22.63
C4 GLC B . 15.64 7.98 24.08
C5 GLC B . 15.23 6.77 24.90
C6 GLC B . 15.16 7.10 26.37
O2 GLC B . 14.37 6.68 20.85
O3 GLC B . 16.10 8.75 21.89
O4 GLC B . 16.97 8.40 24.45
O5 GLC B . 13.93 6.34 24.50
O6 GLC B . 14.12 8.04 26.62
C1 GLC B . 17.28 9.76 24.31
C2 GLC B . 18.73 9.90 23.89
C3 GLC B . 19.65 9.43 25.00
C4 GLC B . 19.32 10.16 26.29
C5 GLC B . 17.85 9.99 26.61
C6 GLC B . 17.45 10.76 27.85
O2 GLC B . 18.97 9.17 22.70
O3 GLC B . 21.02 9.68 24.68
O4 GLC B . 20.04 9.63 27.39
O5 GLC B . 17.05 10.45 25.53
O6 GLC B . 17.56 12.17 27.63
C1 GLC C . -21.90 36.90 11.34
C2 GLC C . -20.78 36.65 12.32
C3 GLC C . -19.55 36.11 11.61
C4 GLC C . -19.90 34.93 10.71
C5 GLC C . -21.02 35.31 9.77
C6 GLC C . -21.48 34.11 8.97
O1 GLC C . -21.52 37.99 10.54
O2 GLC C . -20.45 37.88 12.94
O3 GLC C . -18.58 35.64 12.54
O4 GLC C . -18.73 34.62 9.94
O5 GLC C . -22.16 35.76 10.52
O6 GLC C . -22.28 34.50 7.86
C1 GLC C . -18.05 33.43 10.24
C2 GLC C . -16.55 33.69 10.25
C3 GLC C . -16.02 33.88 8.85
C4 GLC C . -16.41 32.71 7.97
C5 GLC C . -17.93 32.54 8.00
C6 GLC C . -18.36 31.32 7.23
O2 GLC C . -16.28 34.83 11.05
O3 GLC C . -14.59 33.95 8.86
O4 GLC C . -16.02 33.03 6.63
O5 GLC C . -18.40 32.39 9.33
O6 GLC C . -19.78 31.15 7.32
C1 GLC C . -15.14 32.18 5.94
C2 GLC C . -14.01 33.01 5.37
C3 GLC C . -14.43 33.79 4.15
C4 GLC C . -15.10 32.90 3.13
C5 GLC C . -16.26 32.16 3.79
C6 GLC C . -16.90 31.18 2.86
O2 GLC C . -13.58 33.91 6.37
O3 GLC C . -13.31 34.41 3.52
O4 GLC C . -15.65 33.75 2.09
O5 GLC C . -15.80 31.42 4.93
O6 GLC C . -18.02 30.54 3.49
C1 GLC C . -15.21 33.62 0.75
C2 GLC C . -14.79 34.98 0.24
C3 GLC C . -15.97 35.84 -0.14
C4 GLC C . -16.96 35.10 -1.03
C5 GLC C . -17.34 33.78 -0.40
C6 GLC C . -18.18 32.96 -1.33
O2 GLC C . -14.01 35.63 1.22
O3 GLC C . -15.55 36.99 -0.87
O4 GLC C . -18.17 35.82 -1.18
O5 GLC C . -16.19 32.99 -0.08
O6 GLC C . -17.37 32.11 -2.15
C1 GLC D . -8.71 18.63 32.76
C2 GLC D . -9.43 19.93 32.47
C3 GLC D . -9.27 20.35 31.01
C4 GLC D . -7.89 20.13 30.44
C5 GLC D . -7.28 18.81 30.88
C6 GLC D . -5.84 18.71 30.52
O1 GLC D . -9.42 17.62 32.06
O2 GLC D . -10.81 19.76 32.76
O3 GLC D . -9.58 21.74 30.84
O4 GLC D . -8.04 20.09 29.02
O5 GLC D . -7.37 18.69 32.30
O6 GLC D . -5.16 19.94 30.77
C1 GLC D . -7.47 21.10 28.22
C2 GLC D . -8.52 21.54 27.23
C3 GLC D . -8.91 20.37 26.35
C4 GLC D . -7.68 19.81 25.69
C5 GLC D . -6.62 19.41 26.72
C6 GLC D . -5.35 19.01 26.05
O2 GLC D . -9.66 22.00 27.95
O3 GLC D . -9.80 20.79 25.32
O4 GLC D . -8.05 18.66 24.91
O5 GLC D . -6.33 20.56 27.54
O6 GLC D . -4.37 18.60 27.02
C1 GLC D . -7.99 18.79 23.50
C2 GLC D . -9.28 18.27 22.90
C3 GLC D . -9.39 16.79 23.06
C4 GLC D . -8.16 16.12 22.47
C5 GLC D . -6.90 16.67 23.10
C6 GLC D . -5.68 16.14 22.41
O2 GLC D . -10.40 18.92 23.48
O3 GLC D . -10.53 16.30 22.35
O4 GLC D . -8.25 14.71 22.75
O5 GLC D . -6.85 18.09 22.98
O6 GLC D . -4.51 16.32 23.20
C1 GLC D . -8.35 13.81 21.66
C2 GLC D . -9.53 12.90 21.91
C3 GLC D . -9.38 12.24 23.26
C4 GLC D . -8.01 11.64 23.49
C5 GLC D . -6.84 12.37 22.84
C6 GLC D . -5.76 11.38 22.53
O2 GLC D . -10.73 13.66 21.87
O3 GLC D . -10.32 11.16 23.39
O4 GLC D . -7.70 11.60 24.88
O5 GLC D . -7.19 13.00 21.60
O6 GLC D . -6.22 10.05 22.75
C1 GLC E . -28.67 -21.61 3.63
C2 GLC E . -27.45 -20.71 3.65
C3 GLC E . -27.78 -19.36 3.07
C4 GLC E . -28.35 -19.53 1.68
C5 GLC E . -29.57 -20.42 1.75
C6 GLC E . -30.14 -20.70 0.39
O1 GLC E . -29.63 -21.09 4.53
O2 GLC E . -27.00 -20.56 4.99
O3 GLC E . -26.61 -18.54 2.97
O4 GLC E . -28.77 -18.24 1.22
O5 GLC E . -29.23 -21.69 2.32
O6 GLC E . -31.21 -21.64 0.48
C1 GLC E . -28.15 -17.71 0.07
C2 GLC E . -27.84 -16.27 0.36
C3 GLC E . -29.10 -15.45 0.43
C4 GLC E . -29.99 -15.69 -0.78
C5 GLC E . -30.25 -17.17 -0.98
C6 GLC E . -30.99 -17.41 -2.25
O2 GLC E . -27.19 -16.21 1.63
O3 GLC E . -28.81 -14.05 0.46
O4 GLC E . -31.24 -15.03 -0.53
O5 GLC E . -29.01 -17.87 -1.07
O6 GLC E . -31.36 -18.79 -2.38
C1 GLC E . -31.56 -13.89 -1.29
C2 GLC E . -32.18 -12.87 -0.38
C3 GLC E . -33.51 -13.36 0.16
C4 GLC E . -34.42 -13.90 -0.94
C5 GLC E . -33.69 -14.77 -1.95
C6 GLC E . -34.51 -14.93 -3.19
O2 GLC E . -31.29 -12.60 0.70
O3 GLC E . -34.22 -12.31 0.82
O4 GLC E . -35.42 -14.74 -0.39
O5 GLC E . -32.44 -14.21 -2.36
O6 GLC E . -34.75 -13.67 -3.82
CA CA F . 25.44 -11.84 -1.59
CA CA G . 8.30 10.14 12.73
CA CA H . -14.63 4.80 -4.89
C1 MPD I . 6.11 1.07 13.21
C2 MPD I . 5.40 -0.24 13.35
O2 MPD I . 4.53 -0.27 12.23
CM MPD I . 4.53 -0.27 14.60
C3 MPD I . 6.23 -1.42 13.33
C4 MPD I . 5.54 -2.71 13.87
O4 MPD I . 4.19 -2.77 13.37
C5 MPD I . 6.14 -3.97 13.67
#